data_3WXO
#
_entry.id   3WXO
#
_cell.length_a   108.654
_cell.length_b   108.654
_cell.length_c   202.891
_cell.angle_alpha   90.000
_cell.angle_beta   90.000
_cell.angle_gamma   90.000
#
_symmetry.space_group_name_H-M   'P 41 21 2'
#
loop_
_entity.id
_entity.type
_entity.pdbx_description
1 polymer Catalase-peroxidase
2 non-polymer 'PROTOPORPHYRIN IX CONTAINING FE'
3 non-polymer pyridine-4-carbohydrazide
4 non-polymer 'SODIUM ION'
5 water water
#
_entity_poly.entity_id   1
_entity_poly.type   'polypeptide(L)'
_entity_poly.pdbx_seq_one_letter_code
;MHGGATTVNISTAEWWPKALNLDILSQHDRKTNPMGPDFNYQEEVKKLDVAALKQDLQALMTDSQDWWPADWGHYGGLMI
RLTWHAAGTYRIADGRGGAGTGNQRFAPLNSWPDNTNLDKARRLLWPIKQKYGNKLSWADLIAYAGTIAYESMGLKTFGF
AFGREDIWHPEKDIYWGPEKEWVPPSTNPNSRYTGDRELENPLAAVTMGLIYVNPEGVDGNPDPLKTAHDVRVTFARMAM
NDEETVALTAGGHTVGKCHGNGNAALLGPEPEGADVEDQGLGWINKTQSGIGRNAVTSGLEGAWTPHPTQWDNGYFRMLL
NYDWELKKSPAGAWQWEPINPREEDLPVDVEDPSIRRNLVMTDADMAMKMDPEYRKISERFYQDPAYFADVFARAWFKLT
HRDMGPKARYIGPDVPQEDLIWQDPIPAGNRNYDVQAVKDRIAASGLSISELVSTAWDSARTYRNSDKRGGANGARIRLA
PQKDWEGNEPDRLAKVLAVLEGIAAATGASVADVIVLAGNVGVEQAARAAGVEIVLPFAPGRGDATAEQTDTESFAVLEP
IHDGYRNWLKQDYAATPEELLLDRTQLLGLTAPEMTVLIGGLRVLGTNHGGTKHGVFTDREGVLTNDFFVNLTDMNYLWK
PAGKNLYEICDRKTNQVKWTATRVDLVFGSNSILRAYSELYAQDDNKEKFVRDFVAAWTKVMNADRFDLD
;
_entity_poly.pdbx_strand_id   A
#
# COMPACT_ATOMS: atom_id res chain seq x y z
N MET A 1 -18.73 -27.10 28.81
CA MET A 1 -18.32 -26.24 27.67
C MET A 1 -18.39 -24.72 28.07
N HIS A 2 -17.53 -23.91 27.45
CA HIS A 2 -17.31 -22.44 27.72
C HIS A 2 -18.06 -21.48 26.67
N GLY A 3 -18.43 -20.23 27.11
CA GLY A 3 -19.28 -19.30 26.26
C GLY A 3 -18.60 -18.16 25.44
N GLY A 4 -17.30 -18.38 25.30
CA GLY A 4 -16.39 -17.45 24.59
C GLY A 4 -16.38 -17.72 23.08
N ALA A 5 -16.48 -16.62 22.28
CA ALA A 5 -16.34 -16.73 20.82
C ALA A 5 -14.81 -16.74 20.48
N THR A 6 -14.22 -17.91 20.69
CA THR A 6 -12.83 -18.11 21.09
C THR A 6 -11.95 -18.51 19.86
N THR A 7 -12.64 -18.96 18.78
CA THR A 7 -12.05 -19.13 17.44
C THR A 7 -12.72 -18.25 16.39
N VAL A 8 -11.97 -17.98 15.33
CA VAL A 8 -12.22 -16.83 14.44
C VAL A 8 -13.52 -16.96 13.63
N ASN A 9 -13.93 -18.19 13.34
CA ASN A 9 -15.15 -18.46 12.56
C ASN A 9 -16.49 -18.03 13.20
N ILE A 10 -16.61 -18.14 14.53
CA ILE A 10 -17.81 -17.71 15.29
C ILE A 10 -18.09 -16.19 15.08
N SER A 11 -19.19 -15.82 14.41
CA SER A 11 -19.41 -14.40 14.01
C SER A 11 -20.80 -13.98 13.38
N THR A 12 -21.10 -12.68 13.56
CA THR A 12 -22.07 -11.80 12.79
C THR A 12 -21.81 -11.77 11.24
N ALA A 13 -20.52 -11.89 10.88
CA ALA A 13 -20.01 -12.05 9.49
C ALA A 13 -20.71 -13.13 8.66
N GLU A 14 -20.99 -14.29 9.27
CA GLU A 14 -21.69 -15.36 8.57
C GLU A 14 -23.14 -14.93 8.25
N TRP A 15 -23.81 -14.26 9.21
CA TRP A 15 -25.23 -13.97 9.10
C TRP A 15 -25.54 -12.93 8.05
N TRP A 16 -24.76 -11.86 7.97
CA TRP A 16 -25.06 -10.75 7.06
C TRP A 16 -23.75 -10.45 6.38
N PRO A 17 -23.34 -11.29 5.42
CA PRO A 17 -22.00 -11.15 4.76
C PRO A 17 -21.79 -9.82 3.94
N LYS A 18 -22.90 -9.16 3.63
CA LYS A 18 -22.88 -7.90 2.92
C LYS A 18 -22.60 -6.68 3.84
N ALA A 19 -22.54 -6.85 5.16
CA ALA A 19 -22.47 -5.65 6.00
C ALA A 19 -21.09 -4.97 5.84
N LEU A 20 -21.10 -3.68 6.05
CA LEU A 20 -19.87 -2.90 5.95
C LEU A 20 -18.88 -3.39 6.98
N ASN A 21 -17.64 -3.51 6.57
CA ASN A 21 -16.61 -3.99 7.47
C ASN A 21 -15.99 -2.85 8.25
N LEU A 22 -16.75 -2.31 9.20
CA LEU A 22 -16.29 -1.13 9.90
C LEU A 22 -15.06 -1.35 10.77
N ASP A 23 -14.78 -2.61 11.11
CA ASP A 23 -13.55 -2.94 11.82
C ASP A 23 -12.27 -2.46 11.13
N ILE A 24 -12.28 -2.27 9.80
CA ILE A 24 -11.05 -1.88 9.16
C ILE A 24 -10.69 -0.45 9.61
N LEU A 25 -11.63 0.32 10.15
CA LEU A 25 -11.38 1.65 10.62
C LEU A 25 -10.89 1.75 12.04
N SER A 26 -10.87 0.66 12.78
CA SER A 26 -10.51 0.67 14.21
C SER A 26 -9.32 -0.25 14.49
N GLN A 27 -8.54 -0.48 13.47
CA GLN A 27 -7.23 -1.21 13.54
C GLN A 27 -6.11 -0.48 14.25
N HIS A 28 -5.14 -1.24 14.71
CA HIS A 28 -3.85 -0.70 15.18
C HIS A 28 -4.11 0.27 16.32
N ASP A 29 -5.02 -0.10 17.22
CA ASP A 29 -5.42 0.79 18.29
C ASP A 29 -4.66 0.47 19.56
N ARG A 30 -5.00 1.18 20.64
CA ARG A 30 -4.23 1.02 21.88
C ARG A 30 -4.23 -0.36 22.47
N LYS A 31 -5.36 -1.06 22.45
CA LYS A 31 -5.36 -2.37 23.09
C LYS A 31 -4.55 -3.40 22.37
N THR A 32 -4.19 -3.17 21.12
CA THR A 32 -3.27 -4.11 20.44
C THR A 32 -1.81 -3.69 20.43
N ASN A 33 -1.58 -2.41 20.71
CA ASN A 33 -0.25 -1.85 20.59
C ASN A 33 0.50 -2.04 21.86
N PRO A 34 1.53 -2.84 21.87
CA PRO A 34 2.11 -3.12 23.19
C PRO A 34 3.07 -2.07 23.70
N MET A 35 3.29 -1.02 22.92
CA MET A 35 4.23 -0.01 23.30
C MET A 35 3.49 1.02 24.16
N GLY A 36 4.23 1.67 25.05
CA GLY A 36 3.78 2.86 25.76
C GLY A 36 3.21 3.93 24.85
N PRO A 37 2.29 4.74 25.38
CA PRO A 37 1.63 5.72 24.53
C PRO A 37 2.57 6.84 24.05
N ASP A 38 3.70 7.05 24.75
CA ASP A 38 4.64 8.05 24.30
C ASP A 38 5.77 7.47 23.45
N PHE A 39 5.74 6.17 23.14
CA PHE A 39 6.80 5.63 22.30
C PHE A 39 6.71 6.20 20.91
N ASN A 40 7.85 6.58 20.38
CA ASN A 40 7.93 7.17 19.05
C ASN A 40 9.06 6.52 18.30
N TYR A 41 8.72 5.64 17.35
CA TYR A 41 9.74 4.81 16.73
C TYR A 41 10.75 5.67 15.94
N GLN A 42 10.26 6.71 15.29
CA GLN A 42 11.14 7.59 14.49
C GLN A 42 12.19 8.21 15.33
N GLU A 43 11.84 8.67 16.51
CA GLU A 43 12.89 9.22 17.32
C GLU A 43 13.79 8.14 17.86
N GLU A 44 13.28 6.92 18.09
CA GLU A 44 14.22 5.88 18.51
C GLU A 44 15.17 5.41 17.44
N VAL A 45 14.67 5.29 16.23
CA VAL A 45 15.47 4.68 15.16
C VAL A 45 16.63 5.64 14.81
N LYS A 46 16.43 6.92 15.06
CA LYS A 46 17.50 7.93 14.95
C LYS A 46 18.67 7.70 15.85
N LYS A 47 18.49 6.91 16.89
CA LYS A 47 19.55 6.62 17.86
C LYS A 47 20.20 5.27 17.63
N LEU A 48 19.72 4.54 16.61
CA LEU A 48 20.23 3.19 16.32
C LEU A 48 21.71 3.22 15.88
N ASP A 49 22.49 2.28 16.35
CA ASP A 49 23.87 2.15 15.86
C ASP A 49 23.92 1.38 14.52
N VAL A 50 23.73 2.14 13.48
CA VAL A 50 23.59 1.57 12.13
C VAL A 50 24.83 0.88 11.68
N ALA A 51 26.01 1.41 12.01
CA ALA A 51 27.21 0.75 11.56
C ALA A 51 27.36 -0.56 12.23
N ALA A 52 27.03 -0.65 13.52
CA ALA A 52 27.09 -1.90 14.21
C ALA A 52 26.03 -2.91 13.59
N LEU A 53 24.85 -2.43 13.31
CA LEU A 53 23.82 -3.26 12.71
C LEU A 53 24.27 -3.86 11.38
N LYS A 54 24.84 -3.01 10.54
CA LYS A 54 25.35 -3.45 9.23
C LYS A 54 26.35 -4.54 9.39
N GLN A 55 27.22 -4.39 10.36
CA GLN A 55 28.19 -5.41 10.63
C GLN A 55 27.54 -6.78 11.03
N ASP A 56 26.59 -6.73 11.97
CA ASP A 56 25.94 -7.96 12.46
C ASP A 56 25.15 -8.65 11.32
N LEU A 57 24.50 -7.87 10.51
CA LEU A 57 23.68 -8.41 9.45
C LEU A 57 24.58 -9.03 8.39
N GLN A 58 25.70 -8.37 8.06
CA GLN A 58 26.64 -8.97 7.16
C GLN A 58 27.20 -10.27 7.72
N ALA A 59 27.53 -10.29 9.00
CA ALA A 59 28.04 -11.53 9.61
C ALA A 59 26.99 -12.66 9.60
N LEU A 60 25.75 -12.28 9.75
CA LEU A 60 24.67 -13.30 9.75
C LEU A 60 24.64 -14.01 8.43
N MET A 61 24.88 -13.28 7.34
CA MET A 61 24.90 -13.91 6.03
C MET A 61 25.76 -15.16 5.97
N THR A 62 26.87 -15.22 6.70
CA THR A 62 27.70 -16.42 6.66
C THR A 62 27.79 -17.08 8.02
N ASP A 63 26.75 -16.94 8.84
CA ASP A 63 26.67 -17.58 10.16
C ASP A 63 25.58 -18.64 10.10
N SER A 64 25.85 -19.74 9.41
CA SER A 64 24.85 -20.81 9.20
C SER A 64 24.32 -21.37 10.49
N GLN A 65 23.00 -21.52 10.61
CA GLN A 65 22.40 -22.15 11.76
C GLN A 65 21.92 -23.55 11.37
N ASP A 66 22.15 -24.48 12.27
CA ASP A 66 22.02 -25.90 11.91
C ASP A 66 20.59 -26.33 11.71
N TRP A 67 19.64 -25.71 12.37
CA TRP A 67 18.24 -25.96 12.03
C TRP A 67 17.77 -25.42 10.70
N TRP A 68 18.50 -24.54 10.03
CA TRP A 68 18.15 -24.24 8.60
C TRP A 68 19.43 -23.73 7.95
N PRO A 69 20.31 -24.66 7.59
CA PRO A 69 21.64 -24.30 7.14
C PRO A 69 21.64 -23.40 5.92
N ALA A 70 22.62 -22.52 5.84
CA ALA A 70 22.76 -21.59 4.70
C ALA A 70 23.32 -22.33 3.46
N ASP A 71 22.66 -22.16 2.33
CA ASP A 71 23.14 -22.70 1.08
C ASP A 71 24.56 -22.24 0.82
N TRP A 72 25.48 -23.21 0.65
CA TRP A 72 26.90 -22.87 0.41
C TRP A 72 27.45 -22.04 1.53
N GLY A 73 26.88 -22.09 2.74
CA GLY A 73 27.36 -21.22 3.81
C GLY A 73 26.94 -19.73 3.66
N HIS A 74 26.04 -19.39 2.75
CA HIS A 74 25.61 -17.97 2.58
C HIS A 74 24.08 -17.81 2.49
N TYR A 75 23.49 -17.06 3.43
CA TYR A 75 22.03 -16.86 3.50
C TYR A 75 21.56 -15.77 2.55
N GLY A 76 22.46 -15.23 1.74
CA GLY A 76 22.12 -14.06 0.94
C GLY A 76 20.94 -14.21 0.02
N GLY A 77 20.91 -15.35 -0.67
CA GLY A 77 19.80 -15.55 -1.61
C GLY A 77 18.47 -15.58 -0.82
N LEU A 78 18.47 -16.32 0.27
CA LEU A 78 17.27 -16.43 1.10
C LEU A 78 16.84 -15.06 1.54
N MET A 79 17.81 -14.24 1.94
CA MET A 79 17.45 -12.96 2.50
C MET A 79 16.94 -11.96 1.46
N ILE A 80 17.51 -12.04 0.26
CA ILE A 80 16.96 -11.24 -0.83
C ILE A 80 15.59 -11.68 -1.19
N ARG A 81 15.38 -12.97 -1.30
CA ARG A 81 13.97 -13.44 -1.52
C ARG A 81 12.99 -12.96 -0.43
N LEU A 82 13.46 -12.98 0.83
CA LEU A 82 12.64 -12.46 1.91
C LEU A 82 12.24 -11.02 1.65
N THR A 83 13.23 -10.18 1.35
CA THR A 83 12.95 -8.75 1.22
C THR A 83 12.15 -8.49 -0.04
N TRP A 84 12.50 -9.18 -1.14
CA TRP A 84 11.69 -9.03 -2.39
C TRP A 84 10.19 -9.42 -2.18
N HIS A 85 9.94 -10.55 -1.52
CA HIS A 85 8.55 -10.93 -1.21
C HIS A 85 7.84 -9.96 -0.28
N ALA A 86 8.57 -9.41 0.68
CA ALA A 86 7.99 -8.40 1.58
C ALA A 86 7.51 -7.21 0.79
N ALA A 87 8.37 -6.74 -0.10
CA ALA A 87 8.06 -5.51 -0.89
C ALA A 87 7.14 -5.87 -2.02
N GLY A 88 7.22 -7.09 -2.47
CA GLY A 88 6.50 -7.51 -3.69
C GLY A 88 4.98 -7.63 -3.60
N THR A 89 4.38 -7.35 -2.44
CA THR A 89 2.91 -7.34 -2.36
C THR A 89 2.29 -6.00 -2.70
N TYR A 90 3.11 -4.97 -2.88
CA TYR A 90 2.63 -3.62 -3.19
C TYR A 90 1.88 -3.58 -4.46
N ARG A 91 0.84 -2.78 -4.46
CA ARG A 91 0.17 -2.50 -5.69
C ARG A 91 -0.30 -1.06 -5.76
N ILE A 92 -0.33 -0.54 -6.98
CA ILE A 92 -0.45 0.92 -7.17
C ILE A 92 -1.84 1.39 -7.09
N ALA A 93 -2.79 0.51 -7.36
CA ALA A 93 -4.17 0.96 -7.45
C ALA A 93 -4.65 1.53 -6.12
N ASP A 94 -4.26 0.92 -4.98
CA ASP A 94 -4.66 1.48 -3.68
C ASP A 94 -3.46 1.72 -2.74
N GLY A 95 -2.28 1.38 -3.17
CA GLY A 95 -1.09 1.57 -2.40
C GLY A 95 -0.87 0.50 -1.34
N ARG A 96 -1.80 -0.45 -1.28
CA ARG A 96 -1.78 -1.47 -0.21
C ARG A 96 -0.74 -2.50 -0.56
N GLY A 97 -0.27 -3.20 0.47
CA GLY A 97 0.85 -4.10 0.37
C GLY A 97 2.17 -3.36 0.41
N GLY A 98 3.24 -4.12 0.32
CA GLY A 98 4.63 -3.53 0.40
C GLY A 98 5.25 -3.87 1.75
N ALA A 99 6.49 -3.46 1.91
CA ALA A 99 7.31 -3.83 2.99
C ALA A 99 7.21 -2.85 4.15
N GLY A 100 6.43 -1.81 3.96
CA GLY A 100 6.43 -0.64 4.85
C GLY A 100 5.91 -0.86 6.28
N THR A 101 5.30 -2.04 6.55
CA THR A 101 4.70 -2.36 7.88
C THR A 101 5.19 -3.68 8.54
N GLY A 102 6.12 -4.39 7.92
CA GLY A 102 6.50 -5.68 8.42
C GLY A 102 5.40 -6.75 8.46
N ASN A 103 4.46 -6.69 7.52
CA ASN A 103 3.22 -7.53 7.49
C ASN A 103 3.54 -8.97 7.17
N GLN A 104 4.76 -9.28 6.73
CA GLN A 104 5.07 -10.63 6.32
C GLN A 104 5.10 -11.56 7.55
N ARG A 105 5.27 -10.98 8.75
CA ARG A 105 5.33 -11.79 9.98
C ARG A 105 3.97 -12.17 10.54
N PHE A 106 2.88 -11.71 9.93
CA PHE A 106 1.51 -11.96 10.37
C PHE A 106 0.77 -12.68 9.23
N ALA A 107 -0.34 -13.29 9.58
CA ALA A 107 -1.25 -13.79 8.56
C ALA A 107 -1.77 -12.67 7.69
N PRO A 108 -2.21 -12.99 6.45
CA PRO A 108 -2.10 -14.27 5.73
C PRO A 108 -0.77 -14.48 5.10
N LEU A 109 0.04 -13.41 5.04
CA LEU A 109 1.17 -13.36 4.20
C LEU A 109 2.25 -14.28 4.68
N ASN A 110 2.33 -14.45 5.97
CA ASN A 110 3.31 -15.39 6.53
C ASN A 110 3.12 -16.85 6.08
N SER A 111 1.94 -17.15 5.52
CA SER A 111 1.57 -18.50 5.14
C SER A 111 1.18 -18.65 3.68
N TRP A 112 1.40 -17.63 2.86
CA TRP A 112 1.21 -17.78 1.44
C TRP A 112 2.18 -18.79 0.90
N PRO A 113 1.71 -19.60 -0.05
CA PRO A 113 2.57 -20.59 -0.68
C PRO A 113 3.82 -19.97 -1.34
N ASP A 114 3.67 -18.79 -1.91
CA ASP A 114 4.87 -18.08 -2.43
C ASP A 114 5.86 -17.68 -1.34
N ASN A 115 5.43 -17.67 -0.08
CA ASN A 115 6.32 -17.32 1.06
C ASN A 115 6.82 -18.53 1.83
N THR A 116 6.71 -19.70 1.21
CA THR A 116 7.28 -20.89 1.79
C THR A 116 8.72 -20.75 2.19
N ASN A 117 8.99 -21.11 3.44
CA ASN A 117 10.29 -21.11 4.11
C ASN A 117 10.90 -19.72 4.41
N LEU A 118 10.21 -18.66 4.08
CA LEU A 118 10.56 -17.30 4.55
C LEU A 118 10.30 -17.14 6.03
N ASP A 119 9.56 -18.09 6.59
CA ASP A 119 9.40 -18.23 8.08
C ASP A 119 10.79 -18.48 8.68
N LYS A 120 11.63 -19.29 8.02
CA LYS A 120 12.98 -19.55 8.55
C LYS A 120 13.89 -18.28 8.41
N ALA A 121 13.74 -17.62 7.29
CA ALA A 121 14.49 -16.39 7.06
C ALA A 121 14.16 -15.32 8.12
N ARG A 122 12.87 -15.07 8.35
CA ARG A 122 12.49 -14.19 9.44
C ARG A 122 13.07 -14.64 10.78
N ARG A 123 13.03 -15.93 11.07
CA ARG A 123 13.48 -16.42 12.37
C ARG A 123 14.97 -16.19 12.52
N LEU A 124 15.70 -16.38 11.43
CA LEU A 124 17.15 -16.18 11.43
C LEU A 124 17.57 -14.73 11.76
N LEU A 125 16.71 -13.77 11.47
CA LEU A 125 16.94 -12.39 11.84
C LEU A 125 16.57 -12.02 13.29
N TRP A 126 15.99 -12.94 14.06
CA TRP A 126 15.54 -12.64 15.39
C TRP A 126 16.68 -12.24 16.33
N PRO A 127 17.81 -12.94 16.34
CA PRO A 127 18.86 -12.50 17.24
C PRO A 127 19.29 -11.05 17.06
N ILE A 128 19.27 -10.54 15.83
CA ILE A 128 19.52 -9.14 15.57
C ILE A 128 18.42 -8.24 16.10
N LYS A 129 17.18 -8.61 15.85
CA LYS A 129 16.04 -7.85 16.41
C LYS A 129 16.14 -7.83 17.95
N GLN A 130 16.55 -8.94 18.52
CA GLN A 130 16.63 -9.05 19.95
C GLN A 130 17.72 -8.11 20.50
N LYS A 131 18.78 -8.01 19.75
CA LYS A 131 19.93 -7.17 20.10
C LYS A 131 19.68 -5.69 20.01
N TYR A 132 19.07 -5.21 18.95
CA TYR A 132 18.85 -3.77 18.72
C TYR A 132 17.53 -3.25 19.26
N GLY A 133 16.61 -4.18 19.45
CA GLY A 133 15.41 -3.87 20.21
C GLY A 133 14.45 -2.89 19.65
N ASN A 134 13.94 -2.04 20.53
CA ASN A 134 12.95 -1.07 20.10
C ASN A 134 13.47 -0.05 19.09
N LYS A 135 14.78 0.02 18.91
CA LYS A 135 15.26 1.00 17.91
C LYS A 135 15.27 0.44 16.50
N LEU A 136 14.93 -0.84 16.33
CA LEU A 136 14.95 -1.49 15.03
C LEU A 136 13.63 -2.25 14.87
N SER A 137 12.74 -1.76 14.04
CA SER A 137 11.47 -2.48 13.76
C SER A 137 11.74 -3.73 12.95
N TRP A 138 10.90 -4.75 13.12
CA TRP A 138 10.95 -5.88 12.23
C TRP A 138 10.71 -5.42 10.84
N ALA A 139 9.87 -4.43 10.66
CA ALA A 139 9.65 -3.94 9.30
C ALA A 139 10.93 -3.42 8.61
N ASP A 140 11.71 -2.63 9.33
CA ASP A 140 12.93 -2.09 8.73
C ASP A 140 13.90 -3.21 8.56
N LEU A 141 13.98 -4.07 9.56
CA LEU A 141 14.93 -5.14 9.47
C LEU A 141 14.67 -6.02 8.26
N ILE A 142 13.42 -6.39 8.06
CA ILE A 142 13.07 -7.24 6.93
C ILE A 142 13.36 -6.55 5.59
N ALA A 143 13.02 -5.26 5.51
CA ALA A 143 13.34 -4.43 4.33
C ALA A 143 14.81 -4.29 4.09
N TYR A 144 15.62 -4.30 5.15
CA TYR A 144 17.04 -4.12 5.00
C TYR A 144 17.82 -5.36 4.65
N ALA A 145 17.32 -6.50 5.11
CA ALA A 145 18.10 -7.72 5.02
C ALA A 145 18.65 -7.98 3.63
N GLY A 146 17.82 -7.90 2.60
CA GLY A 146 18.26 -8.21 1.27
C GLY A 146 19.23 -7.15 0.74
N THR A 147 19.11 -5.91 1.22
CA THR A 147 20.03 -4.87 0.80
C THR A 147 21.43 -5.15 1.28
N ILE A 148 21.54 -5.50 2.53
CA ILE A 148 22.81 -5.93 3.07
C ILE A 148 23.33 -7.24 2.41
N ALA A 149 22.45 -8.19 2.15
CA ALA A 149 22.84 -9.37 1.38
C ALA A 149 23.52 -8.95 0.02
N TYR A 150 22.90 -8.09 -0.75
CA TYR A 150 23.48 -7.61 -2.03
C TYR A 150 24.86 -6.99 -1.79
N GLU A 151 24.98 -6.22 -0.72
CA GLU A 151 26.29 -5.57 -0.43
C GLU A 151 27.24 -6.61 -0.18
N SER A 152 26.87 -7.58 0.64
CA SER A 152 27.88 -8.60 0.97
C SER A 152 28.27 -9.50 -0.22
N MET A 153 27.40 -9.59 -1.19
CA MET A 153 27.64 -10.48 -2.33
C MET A 153 28.25 -9.73 -3.52
N GLY A 154 28.48 -8.41 -3.34
CA GLY A 154 29.33 -7.64 -4.28
C GLY A 154 28.61 -6.57 -5.04
N LEU A 155 27.33 -6.36 -4.79
CA LEU A 155 26.66 -5.31 -5.47
C LEU A 155 26.61 -3.99 -4.71
N LYS A 156 26.84 -2.91 -5.46
CA LYS A 156 26.76 -1.56 -4.88
C LYS A 156 25.32 -1.14 -4.82
N THR A 157 24.72 -1.19 -3.65
CA THR A 157 23.29 -0.83 -3.58
C THR A 157 23.20 0.72 -3.59
N PHE A 158 22.03 1.23 -3.84
CA PHE A 158 21.83 2.63 -4.08
C PHE A 158 21.58 3.38 -2.80
N GLY A 159 21.12 2.69 -1.76
CA GLY A 159 20.88 3.30 -0.48
C GLY A 159 19.78 2.57 0.30
N PHE A 160 19.47 3.13 1.46
CA PHE A 160 18.48 2.58 2.38
C PHE A 160 18.01 3.64 3.36
N ALA A 161 16.70 3.59 3.65
CA ALA A 161 16.06 4.37 4.68
C ALA A 161 15.36 3.50 5.72
N PHE A 162 15.59 3.82 6.99
CA PHE A 162 14.81 3.38 8.11
C PHE A 162 13.61 4.24 8.28
N GLY A 163 12.70 3.73 9.10
CA GLY A 163 11.51 4.50 9.44
C GLY A 163 10.18 3.82 9.40
N ARG A 164 10.21 2.52 9.11
CA ARG A 164 8.99 1.73 9.04
C ARG A 164 8.60 1.26 10.42
N GLU A 165 7.44 1.73 10.84
CA GLU A 165 6.96 1.36 12.21
C GLU A 165 6.27 0.00 12.22
N ASP A 166 6.47 -0.81 13.22
CA ASP A 166 5.85 -2.13 13.25
C ASP A 166 4.33 -2.04 13.49
N ILE A 167 3.62 -3.08 13.09
CA ILE A 167 2.21 -3.28 13.44
C ILE A 167 2.15 -4.58 14.23
N TRP A 168 0.97 -4.87 14.76
CA TRP A 168 0.81 -5.96 15.71
C TRP A 168 -0.29 -6.97 15.38
N HIS A 169 -0.85 -6.84 14.20
CA HIS A 169 -1.87 -7.77 13.72
C HIS A 169 -1.98 -7.60 12.19
N PRO A 170 -2.70 -8.53 11.50
CA PRO A 170 -2.85 -8.43 10.05
C PRO A 170 -3.53 -7.15 9.63
N GLU A 171 -3.24 -6.70 8.43
CA GLU A 171 -3.90 -5.57 7.88
C GLU A 171 -5.19 -5.97 7.30
N LYS A 172 -6.22 -5.68 8.05
CA LYS A 172 -7.56 -6.19 7.74
C LYS A 172 -8.19 -5.48 6.55
N ASP A 173 -7.68 -4.31 6.22
CA ASP A 173 -8.19 -3.52 5.13
C ASP A 173 -7.81 -4.05 3.74
N ILE A 174 -6.85 -4.97 3.66
CA ILE A 174 -6.28 -5.34 2.34
C ILE A 174 -7.08 -6.51 1.78
N TYR A 175 -7.74 -6.27 0.67
CA TYR A 175 -8.44 -7.36 -0.07
C TYR A 175 -7.43 -8.00 -0.99
N TRP A 176 -7.11 -9.27 -0.76
CA TRP A 176 -6.12 -9.96 -1.53
C TRP A 176 -6.68 -10.71 -2.74
N GLY A 177 -7.98 -10.74 -2.92
CA GLY A 177 -8.59 -11.41 -4.05
C GLY A 177 -9.77 -12.31 -3.70
N PRO A 178 -10.45 -12.84 -4.72
CA PRO A 178 -11.77 -13.48 -4.45
C PRO A 178 -11.72 -14.99 -4.14
N GLU A 179 -10.56 -15.59 -4.33
CA GLU A 179 -10.46 -17.06 -4.25
C GLU A 179 -10.46 -17.55 -2.81
N LYS A 180 -10.89 -18.79 -2.65
CA LYS A 180 -10.98 -19.44 -1.37
C LYS A 180 -10.11 -20.68 -1.39
N GLU A 181 -9.20 -20.79 -2.36
CA GLU A 181 -8.14 -21.83 -2.38
C GLU A 181 -6.85 -21.10 -2.76
N TRP A 182 -5.71 -21.71 -2.46
CA TRP A 182 -4.39 -21.24 -2.81
C TRP A 182 -4.10 -21.64 -4.23
N VAL A 183 -3.58 -20.69 -5.02
CA VAL A 183 -3.05 -20.88 -6.37
C VAL A 183 -3.97 -21.68 -7.34
N PRO A 184 -5.29 -21.41 -7.31
CA PRO A 184 -6.20 -22.07 -8.28
C PRO A 184 -5.98 -21.56 -9.71
N PRO A 185 -6.19 -22.43 -10.73
CA PRO A 185 -6.11 -21.97 -12.14
C PRO A 185 -7.10 -20.85 -12.43
N SER A 186 -6.81 -20.02 -13.44
CA SER A 186 -7.65 -18.89 -13.78
C SER A 186 -9.03 -19.27 -14.38
N THR A 187 -9.30 -20.55 -14.60
CA THR A 187 -10.69 -21.02 -14.78
C THR A 187 -11.04 -21.93 -13.61
N ASN A 188 -11.55 -21.26 -12.59
CA ASN A 188 -12.03 -21.83 -11.33
C ASN A 188 -13.31 -21.01 -11.16
N PRO A 189 -14.25 -21.45 -10.31
CA PRO A 189 -15.28 -20.48 -9.88
C PRO A 189 -14.59 -19.45 -8.96
N ASN A 190 -15.08 -18.23 -8.83
CA ASN A 190 -14.34 -17.18 -8.06
C ASN A 190 -13.02 -16.70 -8.73
N SER A 191 -12.92 -16.70 -10.06
CA SER A 191 -11.71 -16.27 -10.76
C SER A 191 -11.44 -14.78 -10.57
N ARG A 192 -10.16 -14.40 -10.47
CA ARG A 192 -9.77 -12.94 -10.47
C ARG A 192 -9.64 -12.40 -11.89
N TYR A 193 -9.98 -13.28 -12.85
CA TYR A 193 -9.91 -12.88 -14.25
C TYR A 193 -11.30 -12.64 -14.82
N THR A 194 -11.45 -11.55 -15.56
CA THR A 194 -12.68 -11.26 -16.34
C THR A 194 -12.37 -11.17 -17.86
N GLY A 195 -13.42 -11.20 -18.70
CA GLY A 195 -13.31 -10.79 -20.09
C GLY A 195 -12.25 -11.58 -20.82
N ASP A 196 -11.33 -10.89 -21.47
CA ASP A 196 -10.27 -11.59 -22.19
C ASP A 196 -8.98 -11.73 -21.35
N ARG A 197 -9.00 -12.66 -20.38
CA ARG A 197 -7.95 -12.77 -19.35
C ARG A 197 -7.47 -11.35 -18.88
N GLU A 198 -8.41 -10.55 -18.38
CA GLU A 198 -8.15 -9.22 -17.83
C GLU A 198 -8.19 -9.36 -16.32
N LEU A 199 -7.16 -8.87 -15.68
CA LEU A 199 -6.93 -9.15 -14.28
C LEU A 199 -7.68 -8.10 -13.49
N GLU A 200 -8.50 -8.50 -12.53
CA GLU A 200 -9.43 -7.54 -11.92
C GLU A 200 -8.65 -6.53 -11.07
N ASN A 201 -9.19 -5.33 -10.93
CA ASN A 201 -8.37 -4.16 -10.98
C ASN A 201 -7.47 -3.82 -9.83
N PRO A 202 -7.94 -3.96 -8.58
CA PRO A 202 -6.91 -3.64 -7.56
C PRO A 202 -5.76 -4.66 -7.61
N LEU A 203 -6.08 -5.93 -7.92
CA LEU A 203 -5.11 -7.05 -7.82
C LEU A 203 -3.86 -6.89 -8.72
N ALA A 204 -2.73 -7.32 -8.19
CA ALA A 204 -1.45 -7.24 -8.89
C ALA A 204 -0.71 -8.57 -8.89
N ALA A 205 -1.45 -9.64 -8.72
CA ALA A 205 -0.89 -10.95 -8.83
C ALA A 205 -1.88 -11.81 -9.62
N VAL A 206 -1.36 -12.87 -10.24
CA VAL A 206 -2.16 -13.66 -11.19
C VAL A 206 -3.08 -14.64 -10.50
N THR A 207 -2.81 -14.90 -9.20
CA THR A 207 -3.65 -15.77 -8.40
C THR A 207 -3.38 -15.57 -6.90
N MET A 208 -4.25 -16.19 -6.09
CA MET A 208 -4.22 -16.10 -4.66
C MET A 208 -3.01 -16.83 -4.07
N GLY A 209 -2.17 -16.04 -3.42
CA GLY A 209 -1.05 -16.54 -2.62
C GLY A 209 0.25 -16.53 -3.36
N LEU A 210 0.24 -15.94 -4.57
CA LEU A 210 1.48 -15.66 -5.27
C LEU A 210 1.79 -14.14 -5.19
N ILE A 211 3.08 -13.83 -5.27
CA ILE A 211 3.59 -12.47 -5.30
C ILE A 211 3.25 -11.81 -6.63
N TYR A 212 3.73 -12.36 -7.75
CA TYR A 212 3.37 -11.75 -9.07
C TYR A 212 2.78 -12.82 -10.04
N VAL A 213 3.64 -13.66 -10.54
CA VAL A 213 3.24 -14.66 -11.52
C VAL A 213 3.58 -16.05 -11.16
N ASN A 214 3.11 -17.04 -11.94
CA ASN A 214 3.38 -18.46 -11.65
C ASN A 214 4.72 -18.86 -12.29
N PRO A 215 5.69 -19.37 -11.50
CA PRO A 215 6.96 -19.63 -12.18
C PRO A 215 6.92 -20.80 -13.20
N GLU A 216 5.83 -21.56 -13.25
CA GLU A 216 5.79 -22.72 -14.10
C GLU A 216 5.04 -22.40 -15.38
N GLY A 217 4.52 -21.20 -15.48
CA GLY A 217 3.72 -20.80 -16.63
C GLY A 217 2.34 -20.41 -16.18
N VAL A 218 1.61 -19.84 -17.10
CA VAL A 218 0.23 -19.43 -16.85
C VAL A 218 -0.61 -20.68 -16.50
N ASP A 219 -1.31 -20.63 -15.38
CA ASP A 219 -2.02 -21.77 -14.83
C ASP A 219 -1.19 -22.99 -14.77
N GLY A 220 0.11 -22.85 -14.64
CA GLY A 220 0.94 -24.01 -14.47
C GLY A 220 1.37 -24.64 -15.79
N ASN A 221 1.11 -23.97 -16.93
CA ASN A 221 1.49 -24.46 -18.26
C ASN A 221 2.60 -23.64 -18.93
N PRO A 222 3.76 -24.22 -19.05
CA PRO A 222 4.91 -23.42 -19.54
C PRO A 222 4.65 -22.83 -20.94
N ASP A 223 4.87 -21.54 -21.08
CA ASP A 223 4.82 -20.81 -22.31
C ASP A 223 5.33 -19.39 -22.02
N PRO A 224 6.60 -19.17 -22.29
CA PRO A 224 7.35 -17.96 -22.01
C PRO A 224 6.68 -16.73 -22.50
N LEU A 225 6.01 -16.83 -23.65
CA LEU A 225 5.34 -15.67 -24.18
C LEU A 225 4.08 -15.31 -23.45
N LYS A 226 3.36 -16.30 -22.91
CA LYS A 226 2.20 -15.94 -22.10
C LYS A 226 2.67 -15.51 -20.70
N THR A 227 3.74 -16.13 -20.24
CA THR A 227 4.28 -15.77 -18.92
C THR A 227 4.69 -14.31 -19.01
N ALA A 228 5.23 -13.90 -20.14
CA ALA A 228 5.71 -12.51 -20.31
C ALA A 228 4.60 -11.51 -20.19
N HIS A 229 3.45 -11.84 -20.76
CA HIS A 229 2.34 -10.95 -20.68
C HIS A 229 1.95 -10.73 -19.17
N ASP A 230 1.91 -11.81 -18.40
CA ASP A 230 1.52 -11.73 -16.96
C ASP A 230 2.57 -10.94 -16.14
N VAL A 231 3.81 -11.25 -16.38
CA VAL A 231 4.94 -10.47 -15.83
C VAL A 231 4.80 -8.99 -16.11
N ARG A 232 4.55 -8.66 -17.37
CA ARG A 232 4.46 -7.25 -17.74
C ARG A 232 3.31 -6.59 -17.00
N VAL A 233 2.16 -7.28 -16.99
CA VAL A 233 0.97 -6.77 -16.31
C VAL A 233 1.14 -6.61 -14.78
N THR A 234 1.56 -7.67 -14.11
CA THR A 234 1.70 -7.65 -12.67
C THR A 234 2.77 -6.63 -12.26
N PHE A 235 3.93 -6.66 -12.90
CA PHE A 235 4.95 -5.69 -12.55
C PHE A 235 4.54 -4.22 -12.78
N ALA A 236 3.80 -3.91 -13.88
CA ALA A 236 3.25 -2.58 -14.08
C ALA A 236 2.28 -2.18 -12.87
N ARG A 237 1.49 -3.11 -12.41
CA ARG A 237 0.66 -2.85 -11.27
C ARG A 237 1.41 -2.70 -9.97
N MET A 238 2.71 -3.02 -9.99
CA MET A 238 3.60 -2.74 -8.88
C MET A 238 4.55 -1.62 -9.22
N ALA A 239 4.15 -0.78 -10.15
CA ALA A 239 4.90 0.43 -10.50
C ALA A 239 6.19 0.27 -11.34
N MET A 240 6.41 -0.91 -11.91
CA MET A 240 7.67 -1.16 -12.62
C MET A 240 7.42 -1.30 -14.10
N ASN A 241 8.33 -0.73 -14.87
CA ASN A 241 8.24 -0.77 -16.31
C ASN A 241 9.14 -1.89 -16.87
N ASP A 242 9.23 -2.03 -18.20
CA ASP A 242 9.94 -3.18 -18.80
C ASP A 242 11.40 -3.21 -18.32
N GLU A 243 12.05 -2.06 -18.32
CA GLU A 243 13.46 -2.05 -18.01
C GLU A 243 13.69 -2.44 -16.55
N GLU A 244 12.89 -1.87 -15.67
CA GLU A 244 12.98 -2.16 -14.24
C GLU A 244 12.63 -3.65 -14.04
N THR A 245 11.61 -4.14 -14.76
CA THR A 245 11.18 -5.54 -14.62
C THR A 245 12.26 -6.52 -15.02
N VAL A 246 12.93 -6.28 -16.19
CA VAL A 246 13.97 -7.19 -16.57
C VAL A 246 15.14 -7.07 -15.59
N ALA A 247 15.48 -5.84 -15.19
CA ALA A 247 16.60 -5.65 -14.28
C ALA A 247 16.32 -6.41 -12.95
N LEU A 248 15.12 -6.22 -12.42
CA LEU A 248 14.79 -6.87 -11.13
C LEU A 248 14.89 -8.37 -11.24
N THR A 249 14.30 -8.93 -12.31
CA THR A 249 14.30 -10.38 -12.45
C THR A 249 15.69 -10.95 -12.53
N ALA A 250 16.48 -10.39 -13.44
CA ALA A 250 17.85 -10.84 -13.64
C ALA A 250 18.70 -10.64 -12.42
N GLY A 251 18.57 -9.46 -11.84
CA GLY A 251 19.35 -9.12 -10.62
C GLY A 251 18.99 -10.05 -9.44
N GLY A 252 17.73 -10.39 -9.31
CA GLY A 252 17.35 -11.32 -8.21
C GLY A 252 17.95 -12.69 -8.34
N HIS A 253 17.92 -13.20 -9.57
CA HIS A 253 18.36 -14.56 -9.90
C HIS A 253 19.83 -14.70 -10.23
N THR A 254 20.54 -13.57 -10.19
CA THR A 254 22.01 -13.58 -10.23
C THR A 254 22.54 -14.30 -8.99
N VAL A 255 21.74 -14.34 -7.94
CA VAL A 255 22.13 -15.04 -6.77
C VAL A 255 21.07 -16.07 -6.37
N GLY A 256 21.46 -17.01 -5.51
CA GLY A 256 20.51 -17.94 -4.92
C GLY A 256 20.07 -19.06 -5.84
N LYS A 257 19.05 -19.80 -5.37
CA LYS A 257 18.55 -21.00 -6.11
C LYS A 257 17.11 -21.35 -5.81
N CYS A 258 16.61 -22.29 -6.61
CA CYS A 258 15.31 -22.92 -6.44
C CYS A 258 15.49 -24.22 -5.68
N HIS A 259 14.60 -24.46 -4.71
CA HIS A 259 14.68 -25.66 -3.87
C HIS A 259 13.51 -26.60 -4.15
N GLY A 260 13.81 -27.80 -4.62
CA GLY A 260 12.75 -28.79 -4.94
C GLY A 260 13.30 -30.20 -4.99
N ASN A 261 14.20 -30.52 -4.07
CA ASN A 261 14.80 -31.84 -4.00
C ASN A 261 14.13 -32.69 -2.94
N GLY A 262 12.90 -33.02 -3.19
CA GLY A 262 12.19 -33.97 -2.34
C GLY A 262 10.75 -33.99 -2.78
N ASN A 263 9.89 -34.39 -1.86
CA ASN A 263 8.46 -34.51 -2.17
C ASN A 263 7.64 -33.46 -1.41
N ALA A 264 6.96 -32.62 -2.15
CA ALA A 264 6.33 -31.44 -1.59
C ALA A 264 5.12 -31.75 -0.71
N ALA A 265 4.53 -32.91 -1.01
CA ALA A 265 3.47 -33.44 -0.23
C ALA A 265 3.90 -33.75 1.19
N LEU A 266 5.18 -34.00 1.46
CA LEU A 266 5.56 -34.26 2.84
C LEU A 266 5.72 -33.01 3.67
N LEU A 267 5.64 -31.81 3.10
CA LEU A 267 5.82 -30.60 3.96
C LEU A 267 4.60 -30.44 4.83
N GLY A 268 4.81 -30.15 6.10
CA GLY A 268 3.73 -29.90 7.04
C GLY A 268 3.01 -28.62 6.72
N PRO A 269 1.99 -28.30 7.51
CA PRO A 269 1.19 -27.14 7.25
C PRO A 269 1.98 -25.82 7.30
N GLU A 270 1.54 -24.90 6.47
CA GLU A 270 2.00 -23.52 6.51
C GLU A 270 1.83 -22.98 7.93
N PRO A 271 2.54 -21.89 8.25
CA PRO A 271 2.57 -21.46 9.64
C PRO A 271 1.23 -21.24 10.37
N GLU A 272 0.25 -20.61 9.77
CA GLU A 272 -1.01 -20.34 10.50
C GLU A 272 -1.79 -21.66 10.72
N GLY A 273 -1.44 -22.69 9.98
CA GLY A 273 -2.07 -23.99 10.10
C GLY A 273 -1.29 -24.97 10.92
N ALA A 274 -0.08 -24.63 11.34
CA ALA A 274 0.79 -25.60 12.03
C ALA A 274 0.43 -25.58 13.53
N ASP A 275 0.69 -26.64 14.25
CA ASP A 275 0.40 -26.63 15.70
C ASP A 275 1.54 -26.06 16.48
N VAL A 276 1.34 -25.94 17.81
CA VAL A 276 2.20 -25.14 18.67
C VAL A 276 3.61 -25.59 18.67
N GLU A 277 3.83 -26.88 18.54
CA GLU A 277 5.20 -27.38 18.57
C GLU A 277 6.13 -26.86 17.44
N ASP A 278 5.59 -26.27 16.37
CA ASP A 278 6.41 -25.81 15.27
C ASP A 278 6.95 -24.40 15.50
N GLN A 279 6.72 -23.80 16.66
CA GLN A 279 7.45 -22.52 16.98
C GLN A 279 7.13 -21.38 16.04
N GLY A 280 5.93 -21.39 15.48
CA GLY A 280 5.45 -20.32 14.62
C GLY A 280 6.03 -20.48 13.23
N LEU A 281 6.76 -21.56 13.04
CA LEU A 281 7.25 -21.92 11.72
C LEU A 281 6.26 -22.82 10.94
N GLY A 282 6.58 -23.11 9.69
CA GLY A 282 5.70 -23.99 8.88
C GLY A 282 6.45 -24.77 7.83
N TRP A 283 5.69 -25.52 7.08
CA TRP A 283 6.21 -26.31 6.02
C TRP A 283 7.28 -27.27 6.50
N ILE A 284 7.21 -27.66 7.73
CA ILE A 284 8.29 -28.48 8.33
C ILE A 284 8.19 -29.89 7.81
N ASN A 285 9.28 -30.50 7.39
CA ASN A 285 9.25 -31.88 6.92
C ASN A 285 9.65 -32.76 8.11
N LYS A 286 8.70 -33.51 8.61
CA LYS A 286 8.94 -34.45 9.73
C LYS A 286 9.08 -35.93 9.29
N THR A 287 9.01 -36.17 8.00
CA THR A 287 9.04 -37.50 7.45
C THR A 287 10.39 -37.81 6.91
N GLN A 288 11.04 -36.85 6.27
CA GLN A 288 12.46 -36.95 5.90
C GLN A 288 13.18 -35.65 6.13
N SER A 289 14.47 -35.65 5.80
CA SER A 289 15.30 -34.45 5.86
C SER A 289 14.63 -33.44 4.98
N GLY A 290 14.36 -32.28 5.58
CA GLY A 290 13.73 -31.20 4.84
C GLY A 290 14.63 -29.98 4.75
N ILE A 291 15.93 -30.15 4.91
CA ILE A 291 16.86 -29.00 5.06
C ILE A 291 18.09 -29.20 4.23
N GLY A 292 18.85 -28.13 4.04
CA GLY A 292 20.03 -28.21 3.18
C GLY A 292 19.72 -28.67 1.77
N ARG A 293 20.46 -29.66 1.30
CA ARG A 293 20.18 -30.16 -0.08
C ARG A 293 18.81 -30.80 -0.26
N ASN A 294 18.15 -31.12 0.83
CA ASN A 294 16.83 -31.74 0.78
C ASN A 294 15.73 -30.73 0.97
N ALA A 295 16.08 -29.46 0.95
CA ALA A 295 15.04 -28.44 1.12
C ALA A 295 14.08 -28.51 -0.03
N VAL A 296 12.81 -28.24 0.25
CA VAL A 296 11.86 -28.08 -0.81
C VAL A 296 11.12 -26.78 -0.50
N THR A 297 11.05 -25.89 -1.48
CA THR A 297 10.44 -24.58 -1.31
C THR A 297 9.49 -24.32 -2.42
N SER A 298 9.88 -23.78 -3.57
CA SER A 298 8.98 -23.69 -4.73
C SER A 298 8.67 -25.05 -5.39
N GLY A 299 9.51 -26.05 -5.19
CA GLY A 299 9.41 -27.26 -6.00
C GLY A 299 10.34 -27.25 -7.22
N LEU A 300 10.77 -26.08 -7.75
CA LEU A 300 11.83 -26.12 -8.76
C LEU A 300 13.16 -26.30 -8.10
N GLU A 301 14.11 -26.84 -8.84
CA GLU A 301 15.38 -27.23 -8.27
C GLU A 301 16.52 -26.88 -9.20
N GLY A 302 17.44 -26.06 -8.70
CA GLY A 302 18.64 -25.60 -9.52
C GLY A 302 18.99 -24.15 -9.18
N ALA A 303 20.09 -23.64 -9.72
CA ALA A 303 20.46 -22.24 -9.60
C ALA A 303 20.60 -21.65 -11.00
N TRP A 304 20.28 -20.37 -11.10
CA TRP A 304 20.36 -19.67 -12.39
C TRP A 304 21.81 -19.41 -12.84
N THR A 305 22.74 -19.32 -11.91
CA THR A 305 24.14 -18.96 -12.25
C THR A 305 25.11 -19.97 -11.70
N PRO A 306 26.29 -20.11 -12.31
CA PRO A 306 27.31 -20.96 -11.81
C PRO A 306 27.77 -20.66 -10.39
N HIS A 307 27.73 -19.38 -9.99
CA HIS A 307 28.25 -18.87 -8.71
C HIS A 307 27.11 -18.11 -8.02
N PRO A 308 26.17 -18.84 -7.39
CA PRO A 308 25.01 -18.22 -6.81
C PRO A 308 25.22 -17.44 -5.55
N THR A 309 26.44 -17.47 -5.02
CA THR A 309 26.76 -16.61 -3.90
C THR A 309 27.39 -15.30 -4.25
N GLN A 310 27.46 -14.97 -5.52
CA GLN A 310 27.97 -13.70 -5.88
C GLN A 310 27.35 -12.97 -7.04
N TRP A 311 27.40 -11.65 -6.91
CA TRP A 311 26.94 -10.77 -7.94
C TRP A 311 27.95 -10.98 -9.13
N ASP A 312 27.45 -11.16 -10.34
CA ASP A 312 28.27 -11.39 -11.51
C ASP A 312 27.39 -11.21 -12.72
N ASN A 313 27.91 -11.59 -13.87
CA ASN A 313 27.10 -11.56 -15.09
C ASN A 313 26.69 -12.94 -15.56
N GLY A 314 26.58 -13.82 -14.59
CA GLY A 314 26.18 -15.21 -14.82
C GLY A 314 24.79 -15.32 -15.40
N TYR A 315 23.86 -14.42 -15.03
CA TYR A 315 22.50 -14.65 -15.43
C TYR A 315 22.29 -14.55 -16.95
N PHE A 316 22.73 -13.47 -17.55
CA PHE A 316 22.48 -13.40 -18.96
C PHE A 316 23.46 -14.30 -19.72
N ARG A 317 24.64 -14.53 -19.16
CA ARG A 317 25.55 -15.45 -19.77
C ARG A 317 24.87 -16.79 -19.91
N MET A 318 24.19 -17.29 -18.88
CA MET A 318 23.53 -18.60 -19.00
C MET A 318 22.34 -18.57 -19.90
N LEU A 319 21.48 -17.60 -19.67
CA LEU A 319 20.23 -17.54 -20.34
C LEU A 319 20.44 -17.33 -21.84
N LEU A 320 21.30 -16.39 -22.19
CA LEU A 320 21.42 -16.00 -23.58
C LEU A 320 22.34 -16.93 -24.39
N ASN A 321 23.31 -17.52 -23.75
CA ASN A 321 24.24 -18.36 -24.47
C ASN A 321 23.93 -19.84 -24.53
N TYR A 322 23.19 -20.37 -23.58
CA TYR A 322 22.71 -21.72 -23.71
C TYR A 322 21.36 -21.69 -24.37
N ASP A 323 21.01 -22.81 -25.01
CA ASP A 323 19.64 -23.08 -25.46
C ASP A 323 19.01 -23.94 -24.30
N TRP A 324 17.70 -23.84 -24.11
CA TRP A 324 17.01 -24.38 -22.95
C TRP A 324 15.85 -25.32 -23.38
N GLU A 325 15.60 -26.33 -22.57
CA GLU A 325 14.38 -27.13 -22.74
C GLU A 325 13.67 -27.46 -21.40
N LEU A 326 12.41 -27.85 -21.50
CA LEU A 326 11.61 -28.17 -20.33
C LEU A 326 11.91 -29.50 -19.72
N LYS A 327 11.98 -29.55 -18.41
CA LYS A 327 12.29 -30.73 -17.66
C LYS A 327 11.42 -30.63 -16.40
N LYS A 328 11.46 -31.68 -15.59
CA LYS A 328 10.67 -31.71 -14.38
C LYS A 328 11.71 -31.78 -13.29
N SER A 329 11.57 -30.97 -12.26
CA SER A 329 12.42 -31.10 -11.10
C SER A 329 12.07 -32.39 -10.34
N PRO A 330 12.81 -32.73 -9.30
CA PRO A 330 12.51 -33.91 -8.54
C PRO A 330 11.15 -33.82 -7.82
N ALA A 331 10.70 -32.63 -7.46
CA ALA A 331 9.45 -32.45 -6.82
C ALA A 331 8.34 -32.45 -7.79
N GLY A 332 8.64 -32.46 -9.08
CA GLY A 332 7.64 -32.57 -10.12
C GLY A 332 7.26 -31.25 -10.74
N ALA A 333 8.12 -30.23 -10.64
CA ALA A 333 7.74 -28.91 -11.17
C ALA A 333 8.35 -28.79 -12.53
N TRP A 334 7.64 -28.13 -13.44
CA TRP A 334 8.25 -27.73 -14.70
C TRP A 334 9.35 -26.68 -14.50
N GLN A 335 10.47 -26.84 -15.20
CA GLN A 335 11.52 -25.87 -15.23
C GLN A 335 12.29 -26.02 -16.50
N TRP A 336 13.10 -25.01 -16.80
CA TRP A 336 13.96 -25.02 -17.96
C TRP A 336 15.37 -25.32 -17.53
N GLU A 337 15.99 -26.25 -18.25
CA GLU A 337 17.34 -26.58 -18.12
C GLU A 337 18.07 -26.41 -19.47
N PRO A 338 19.37 -26.10 -19.41
CA PRO A 338 20.17 -25.84 -20.58
C PRO A 338 20.55 -27.15 -21.32
N ILE A 339 20.64 -27.04 -22.60
CA ILE A 339 21.05 -28.18 -23.39
C ILE A 339 22.56 -28.20 -23.44
N ASN A 340 23.14 -29.29 -22.96
CA ASN A 340 24.58 -29.42 -22.97
C ASN A 340 25.44 -28.45 -22.25
N PRO A 341 25.12 -28.16 -20.99
CA PRO A 341 26.01 -27.27 -20.29
C PRO A 341 27.39 -27.82 -20.07
N ARG A 342 28.37 -26.94 -19.91
CA ARG A 342 29.66 -27.37 -19.47
C ARG A 342 29.68 -27.67 -17.97
N GLU A 343 30.47 -28.68 -17.59
CA GLU A 343 30.67 -29.02 -16.20
C GLU A 343 30.91 -27.79 -15.37
N GLU A 344 31.78 -26.91 -15.86
CA GLU A 344 32.34 -25.82 -15.05
C GLU A 344 31.30 -24.70 -14.80
N ASP A 345 30.21 -24.72 -15.53
CA ASP A 345 29.09 -23.83 -15.25
C ASP A 345 28.03 -24.39 -14.30
N LEU A 346 28.20 -25.63 -13.86
CA LEU A 346 27.20 -26.23 -12.98
C LEU A 346 27.41 -25.73 -11.55
N PRO A 347 26.36 -25.18 -10.94
CA PRO A 347 26.44 -24.79 -9.56
C PRO A 347 26.61 -26.06 -8.75
N VAL A 348 27.39 -25.96 -7.71
CA VAL A 348 27.68 -27.06 -6.84
C VAL A 348 26.59 -27.25 -5.73
N ASP A 349 26.63 -28.44 -5.13
CA ASP A 349 25.73 -28.85 -4.07
C ASP A 349 25.84 -27.87 -2.91
N VAL A 350 24.72 -27.61 -2.29
CA VAL A 350 24.72 -26.58 -1.22
C VAL A 350 25.45 -27.02 0.05
N GLU A 351 25.70 -28.29 0.23
CA GLU A 351 26.43 -28.77 1.44
C GLU A 351 27.84 -29.22 1.11
N ASP A 352 28.02 -29.79 -0.07
CA ASP A 352 29.30 -30.36 -0.44
C ASP A 352 29.73 -29.83 -1.81
N PRO A 353 30.74 -28.98 -1.86
CA PRO A 353 31.10 -28.32 -3.09
C PRO A 353 31.82 -29.20 -4.11
N SER A 354 32.08 -30.45 -3.76
CA SER A 354 32.76 -31.35 -4.67
C SER A 354 31.70 -32.02 -5.52
N ILE A 355 30.43 -31.74 -5.28
CA ILE A 355 29.35 -32.27 -6.14
C ILE A 355 28.65 -31.23 -6.99
N ARG A 356 28.43 -31.54 -8.24
CA ARG A 356 27.84 -30.60 -9.16
C ARG A 356 26.41 -30.92 -9.29
N ARG A 357 25.59 -29.88 -9.43
CA ARG A 357 24.14 -30.02 -9.49
C ARG A 357 23.69 -29.44 -10.80
N ASN A 358 22.64 -28.64 -10.88
CA ASN A 358 22.18 -28.24 -12.21
C ASN A 358 21.81 -26.78 -12.28
N LEU A 359 21.79 -26.27 -13.49
CA LEU A 359 21.29 -24.94 -13.76
C LEU A 359 19.79 -24.96 -14.01
N VAL A 360 19.15 -23.81 -13.90
CA VAL A 360 17.69 -23.78 -14.11
C VAL A 360 17.31 -22.44 -14.55
N MET A 361 16.22 -22.32 -15.33
CA MET A 361 15.51 -21.06 -15.52
C MET A 361 14.02 -21.32 -15.29
N THR A 362 13.29 -20.34 -14.74
CA THR A 362 11.82 -20.44 -14.66
C THR A 362 11.19 -19.94 -15.93
N ASP A 363 9.88 -20.11 -16.03
CA ASP A 363 9.15 -19.59 -17.22
C ASP A 363 9.27 -18.07 -17.34
N ALA A 364 9.41 -17.41 -16.18
CA ALA A 364 9.56 -15.96 -16.19
C ALA A 364 10.96 -15.54 -16.65
N ASP A 365 11.95 -16.31 -16.29
CA ASP A 365 13.29 -16.12 -16.79
C ASP A 365 13.28 -16.31 -18.33
N MET A 366 12.67 -17.39 -18.83
CA MET A 366 12.65 -17.60 -20.27
C MET A 366 11.88 -16.50 -20.94
N ALA A 367 10.88 -15.95 -20.25
CA ALA A 367 10.22 -14.78 -20.84
C ALA A 367 11.16 -13.61 -21.20
N MET A 368 12.25 -13.49 -20.46
CA MET A 368 13.15 -12.34 -20.59
C MET A 368 13.95 -12.52 -21.89
N LYS A 369 14.04 -13.76 -22.34
CA LYS A 369 14.70 -14.15 -23.59
C LYS A 369 13.71 -14.18 -24.78
N MET A 370 12.48 -14.60 -24.59
CA MET A 370 11.61 -14.83 -25.72
C MET A 370 10.74 -13.70 -26.04
N ASP A 371 10.32 -12.88 -25.06
CA ASP A 371 9.49 -11.75 -25.37
C ASP A 371 10.37 -10.73 -26.10
N PRO A 372 9.86 -10.19 -27.20
CA PRO A 372 10.81 -9.45 -28.05
C PRO A 372 11.28 -8.16 -27.39
N GLU A 373 10.43 -7.57 -26.53
CA GLU A 373 10.79 -6.31 -25.88
C GLU A 373 11.75 -6.58 -24.75
N TYR A 374 11.48 -7.62 -23.99
CA TYR A 374 12.44 -7.99 -22.90
C TYR A 374 13.80 -8.41 -23.48
N ARG A 375 13.75 -9.12 -24.62
CA ARG A 375 14.97 -9.65 -25.21
C ARG A 375 15.95 -8.52 -25.50
N LYS A 376 15.46 -7.42 -26.04
CA LYS A 376 16.28 -6.27 -26.28
C LYS A 376 16.95 -5.68 -25.01
N ILE A 377 16.21 -5.60 -23.91
CA ILE A 377 16.73 -5.10 -22.66
C ILE A 377 17.69 -6.08 -22.12
N SER A 378 17.37 -7.37 -22.24
CA SER A 378 18.29 -8.36 -21.77
C SER A 378 19.65 -8.27 -22.47
N GLU A 379 19.63 -8.07 -23.79
CA GLU A 379 20.90 -8.01 -24.57
C GLU A 379 21.65 -6.74 -24.11
N ARG A 380 20.91 -5.65 -23.84
CA ARG A 380 21.57 -4.39 -23.38
C ARG A 380 22.29 -4.66 -22.05
N PHE A 381 21.60 -5.37 -21.19
CA PHE A 381 22.19 -5.67 -19.88
C PHE A 381 23.35 -6.61 -19.93
N TYR A 382 23.33 -7.51 -20.91
CA TYR A 382 24.45 -8.45 -21.06
C TYR A 382 25.70 -7.73 -21.67
N GLN A 383 25.42 -6.82 -22.60
CA GLN A 383 26.50 -6.08 -23.30
C GLN A 383 26.98 -4.90 -22.43
N ASP A 384 26.09 -4.34 -21.59
CA ASP A 384 26.45 -3.22 -20.74
C ASP A 384 26.16 -3.53 -19.26
N PRO A 385 27.00 -4.29 -18.63
CA PRO A 385 26.68 -4.64 -17.27
C PRO A 385 26.73 -3.56 -16.22
N ALA A 386 27.49 -2.49 -16.44
CA ALA A 386 27.47 -1.38 -15.52
C ALA A 386 26.10 -0.71 -15.52
N TYR A 387 25.51 -0.61 -16.70
CA TYR A 387 24.17 -0.07 -16.82
C TYR A 387 23.18 -0.99 -16.10
N PHE A 388 23.35 -2.27 -16.30
CA PHE A 388 22.51 -3.27 -15.60
C PHE A 388 22.56 -3.09 -14.05
N ALA A 389 23.74 -3.08 -13.50
CA ALA A 389 23.92 -2.89 -12.05
C ALA A 389 23.37 -1.62 -11.52
N ASP A 390 23.49 -0.56 -12.33
CA ASP A 390 22.85 0.71 -11.93
C ASP A 390 21.32 0.68 -11.93
N VAL A 391 20.71 0.32 -13.07
CA VAL A 391 19.28 0.17 -13.14
C VAL A 391 18.73 -0.81 -12.05
N PHE A 392 19.40 -1.95 -11.87
CA PHE A 392 18.97 -2.91 -10.88
C PHE A 392 19.05 -2.28 -9.50
N ALA A 393 20.15 -1.59 -9.14
CA ALA A 393 20.25 -1.05 -7.80
C ALA A 393 19.19 -0.03 -7.52
N ARG A 394 18.92 0.82 -8.52
CA ARG A 394 17.89 1.77 -8.42
C ARG A 394 16.51 1.15 -8.29
N ALA A 395 16.24 0.17 -9.13
CA ALA A 395 14.90 -0.51 -9.06
C ALA A 395 14.68 -1.27 -7.71
N TRP A 396 15.73 -1.88 -7.18
CA TRP A 396 15.70 -2.57 -5.90
C TRP A 396 15.41 -1.58 -4.78
N PHE A 397 16.01 -0.40 -4.86
CA PHE A 397 15.70 0.69 -3.92
C PHE A 397 14.27 1.14 -4.04
N LYS A 398 13.80 1.37 -5.28
CA LYS A 398 12.42 1.67 -5.48
C LYS A 398 11.48 0.58 -4.92
N LEU A 399 11.74 -0.68 -5.30
CA LEU A 399 10.99 -1.79 -4.78
C LEU A 399 10.74 -1.72 -3.23
N THR A 400 11.82 -1.53 -2.51
CA THR A 400 11.81 -1.56 -1.10
C THR A 400 11.44 -0.27 -0.41
N HIS A 401 11.28 0.81 -1.17
CA HIS A 401 10.88 2.09 -0.61
C HIS A 401 9.66 2.71 -1.22
N ARG A 402 9.03 2.05 -2.17
CA ARG A 402 7.99 2.71 -2.92
CA ARG A 402 7.94 2.63 -2.94
C ARG A 402 6.75 2.98 -2.07
N ASP A 403 6.61 2.34 -0.89
CA ASP A 403 5.46 2.61 -0.03
C ASP A 403 5.87 3.44 1.20
N MET A 404 7.09 3.99 1.23
CA MET A 404 7.56 4.83 2.36
C MET A 404 7.08 6.26 2.35
N GLY A 405 6.54 6.74 1.26
CA GLY A 405 6.01 8.08 1.32
C GLY A 405 7.10 9.14 1.08
N PRO A 406 6.89 10.37 1.56
CA PRO A 406 7.82 11.40 1.19
C PRO A 406 9.12 11.25 1.93
N LYS A 407 10.12 11.94 1.40
CA LYS A 407 11.46 11.74 1.89
C LYS A 407 11.60 12.23 3.30
N ALA A 408 10.77 13.18 3.68
CA ALA A 408 10.67 13.58 5.05
C ALA A 408 10.53 12.38 6.04
N ARG A 409 9.97 11.25 5.64
CA ARG A 409 9.87 10.05 6.54
C ARG A 409 11.12 9.20 6.57
N TYR A 410 12.05 9.40 5.64
CA TYR A 410 13.23 8.55 5.55
C TYR A 410 14.23 8.86 6.62
N ILE A 411 14.89 7.87 7.22
CA ILE A 411 15.87 8.15 8.23
C ILE A 411 17.09 7.32 7.97
N GLY A 412 18.26 7.87 8.29
CA GLY A 412 19.44 7.05 8.43
C GLY A 412 20.57 7.58 7.54
N PRO A 413 21.75 7.00 7.67
CA PRO A 413 22.90 7.53 6.99
C PRO A 413 23.00 7.18 5.51
N ASP A 414 22.22 6.24 4.99
CA ASP A 414 22.37 5.82 3.58
C ASP A 414 21.20 6.24 2.74
N VAL A 415 20.48 7.24 3.23
CA VAL A 415 19.40 7.80 2.45
C VAL A 415 20.02 8.49 1.22
N PRO A 416 19.60 8.18 -0.01
CA PRO A 416 20.10 8.94 -1.15
C PRO A 416 19.65 10.38 -1.11
N GLN A 417 20.56 11.27 -1.47
CA GLN A 417 20.29 12.72 -1.49
C GLN A 417 19.47 13.07 -2.77
N GLU A 418 19.57 12.28 -3.82
CA GLU A 418 18.73 12.50 -5.03
C GLU A 418 17.25 12.46 -4.63
N ASP A 419 16.44 13.29 -5.28
CA ASP A 419 15.01 13.20 -5.21
C ASP A 419 14.57 12.40 -6.42
N LEU A 420 14.06 11.20 -6.17
CA LEU A 420 13.53 10.36 -7.23
C LEU A 420 12.06 10.70 -7.41
N ILE A 421 11.59 10.61 -8.63
CA ILE A 421 10.32 11.17 -8.98
C ILE A 421 9.20 10.44 -8.28
N TRP A 422 9.43 9.16 -8.02
CA TRP A 422 8.42 8.31 -7.39
C TRP A 422 8.28 8.60 -5.88
N GLN A 423 9.14 9.45 -5.33
CA GLN A 423 8.96 9.95 -3.98
C GLN A 423 8.03 11.15 -3.91
N ASP A 424 7.48 11.54 -5.04
CA ASP A 424 6.63 12.71 -5.17
C ASP A 424 7.20 13.93 -4.38
N PRO A 425 8.40 14.41 -4.78
CA PRO A 425 9.10 15.42 -4.01
C PRO A 425 8.33 16.74 -3.88
N ILE A 426 8.46 17.36 -2.74
CA ILE A 426 7.90 18.62 -2.45
C ILE A 426 8.93 19.42 -1.67
N PRO A 427 9.18 20.69 -2.03
CA PRO A 427 10.12 21.51 -1.22
C PRO A 427 9.49 22.00 0.10
N ALA A 428 10.33 22.45 1.03
CA ALA A 428 9.88 23.09 2.26
C ALA A 428 9.23 24.42 1.86
N GLY A 429 8.18 24.77 2.55
CA GLY A 429 7.45 26.00 2.28
C GLY A 429 7.87 27.02 3.30
N ASN A 430 7.82 28.28 2.91
CA ASN A 430 8.15 29.34 3.87
C ASN A 430 7.18 29.28 5.07
N ARG A 431 7.73 29.29 6.27
CA ARG A 431 6.92 29.33 7.48
C ARG A 431 6.85 30.71 8.15
N ASN A 432 7.44 31.74 7.55
CA ASN A 432 7.62 33.04 8.22
C ASN A 432 6.77 34.02 7.48
N TYR A 433 5.49 34.00 7.82
CA TYR A 433 4.52 34.86 7.20
C TYR A 433 3.44 35.07 8.24
N ASP A 434 2.60 36.06 8.01
CA ASP A 434 1.52 36.37 8.96
C ASP A 434 0.26 35.63 8.56
N VAL A 435 -0.11 34.64 9.38
CA VAL A 435 -1.22 33.78 9.02
C VAL A 435 -2.54 34.57 8.89
N GLN A 436 -2.80 35.34 9.94
CA GLN A 436 -3.96 36.21 10.01
C GLN A 436 -4.12 37.13 8.78
N ALA A 437 -3.01 37.66 8.32
CA ALA A 437 -3.03 38.51 7.16
C ALA A 437 -3.59 37.71 5.98
N VAL A 438 -3.06 36.48 5.83
CA VAL A 438 -3.54 35.60 4.76
C VAL A 438 -5.04 35.31 4.93
N LYS A 439 -5.44 34.93 6.14
CA LYS A 439 -6.90 34.74 6.44
C LYS A 439 -7.78 35.95 6.05
N ASP A 440 -7.32 37.15 6.46
CA ASP A 440 -8.06 38.41 6.12
C ASP A 440 -8.20 38.58 4.62
N ARG A 441 -7.14 38.28 3.88
CA ARG A 441 -7.29 38.37 2.39
C ARG A 441 -8.23 37.36 1.84
N ILE A 442 -8.14 36.13 2.38
CA ILE A 442 -9.10 35.09 1.96
C ILE A 442 -10.53 35.56 2.23
N ALA A 443 -10.81 36.03 3.44
CA ALA A 443 -12.18 36.46 3.84
C ALA A 443 -12.73 37.62 3.01
N ALA A 444 -11.81 38.50 2.63
CA ALA A 444 -12.13 39.67 1.86
C ALA A 444 -12.29 39.32 0.42
N SER A 445 -11.84 38.13 -0.02
CA SER A 445 -12.18 37.67 -1.40
C SER A 445 -13.69 37.44 -1.36
N GLY A 446 -14.29 37.27 -2.51
CA GLY A 446 -15.70 36.94 -2.49
C GLY A 446 -15.96 35.47 -2.71
N LEU A 447 -14.99 34.63 -2.33
CA LEU A 447 -15.16 33.19 -2.50
C LEU A 447 -16.08 32.70 -1.42
N SER A 448 -17.09 31.94 -1.81
CA SER A 448 -17.98 31.33 -0.83
C SER A 448 -17.34 30.24 0.10
N ILE A 449 -18.05 29.95 1.18
CA ILE A 449 -17.77 28.86 2.09
C ILE A 449 -17.67 27.56 1.31
N SER A 450 -18.67 27.27 0.50
CA SER A 450 -18.59 26.07 -0.26
C SER A 450 -17.37 25.99 -1.22
N GLU A 451 -16.95 27.09 -1.83
CA GLU A 451 -15.79 27.06 -2.70
C GLU A 451 -14.52 26.79 -1.93
N LEU A 452 -14.46 27.43 -0.81
CA LEU A 452 -13.31 27.39 0.05
C LEU A 452 -13.13 25.97 0.63
N VAL A 453 -14.21 25.41 1.16
CA VAL A 453 -14.13 24.14 1.85
C VAL A 453 -13.91 23.02 0.82
N SER A 454 -14.64 23.06 -0.28
CA SER A 454 -14.51 22.03 -1.27
C SER A 454 -13.14 21.97 -1.84
N THR A 455 -12.51 23.13 -1.95
CA THR A 455 -11.25 23.17 -2.63
C THR A 455 -10.22 22.61 -1.67
N ALA A 456 -10.26 22.96 -0.40
CA ALA A 456 -9.28 22.42 0.55
C ALA A 456 -9.48 20.90 0.72
N TRP A 457 -10.71 20.47 0.71
CA TRP A 457 -11.04 19.02 0.84
C TRP A 457 -10.48 18.31 -0.31
N ASP A 458 -10.70 18.85 -1.50
CA ASP A 458 -10.25 18.16 -2.72
C ASP A 458 -8.69 18.11 -2.77
N SER A 459 -8.04 19.09 -2.14
CA SER A 459 -6.61 19.08 -2.19
C SER A 459 -6.05 17.99 -1.27
N ALA A 460 -6.69 17.80 -0.11
CA ALA A 460 -6.19 16.86 0.91
C ALA A 460 -6.68 15.42 0.65
N ARG A 461 -7.81 15.25 0.00
CA ARG A 461 -8.51 13.95 0.01
C ARG A 461 -7.82 12.83 -0.73
N THR A 462 -6.74 13.17 -1.42
CA THR A 462 -6.01 12.21 -2.22
C THR A 462 -5.04 11.46 -1.36
N TYR A 463 -4.86 11.89 -0.13
CA TYR A 463 -3.93 11.18 0.73
C TYR A 463 -4.32 9.69 0.97
N ARG A 464 -3.34 8.80 0.96
CA ARG A 464 -3.63 7.42 1.30
C ARG A 464 -2.55 6.89 2.20
N ASN A 465 -2.94 6.35 3.36
CA ASN A 465 -1.95 5.92 4.32
CA ASN A 465 -2.00 5.88 4.35
C ASN A 465 -1.27 4.60 3.94
N SER A 466 -1.81 3.92 2.93
CA SER A 466 -1.25 2.65 2.48
C SER A 466 0.16 2.80 1.95
N ASP A 467 0.39 3.84 1.17
CA ASP A 467 1.74 4.20 0.70
C ASP A 467 2.15 5.65 0.91
N LYS A 468 1.34 6.38 1.64
CA LYS A 468 1.68 7.73 2.04
C LYS A 468 1.89 8.65 0.87
N ARG A 469 1.10 8.43 -0.18
CA ARG A 469 1.04 9.33 -1.34
C ARG A 469 -0.17 10.23 -1.23
N GLY A 470 -0.09 11.42 -1.84
CA GLY A 470 -1.17 12.34 -1.92
C GLY A 470 -1.21 13.26 -0.70
N GLY A 471 -2.27 14.04 -0.68
CA GLY A 471 -2.48 14.99 0.38
C GLY A 471 -2.26 16.41 -0.15
N ALA A 472 -2.45 17.33 0.79
CA ALA A 472 -2.49 18.76 0.47
C ALA A 472 -1.09 19.39 0.31
N ASN A 473 -0.09 18.81 0.94
CA ASN A 473 1.25 19.27 0.77
C ASN A 473 1.63 19.12 -0.67
N GLY A 474 2.18 20.20 -1.22
CA GLY A 474 2.61 20.22 -2.62
C GLY A 474 1.68 20.94 -3.55
N ALA A 475 0.43 21.12 -3.15
CA ALA A 475 -0.56 21.75 -4.06
C ALA A 475 -0.55 21.19 -5.47
N ARG A 476 -0.41 19.89 -5.58
CA ARG A 476 -0.46 19.24 -6.85
C ARG A 476 -1.82 19.32 -7.42
N ILE A 477 -2.78 19.74 -6.64
CA ILE A 477 -4.12 19.95 -7.24
C ILE A 477 -4.12 21.03 -8.37
N ARG A 478 -3.20 21.99 -8.26
CA ARG A 478 -3.10 23.08 -9.26
C ARG A 478 -2.41 22.62 -10.54
N LEU A 479 -1.80 21.41 -10.53
CA LEU A 479 -1.05 20.89 -11.68
C LEU A 479 -1.78 19.81 -12.40
N ALA A 480 -1.24 19.44 -13.57
CA ALA A 480 -1.73 18.26 -14.30
C ALA A 480 -1.28 17.09 -13.47
N PRO A 481 -2.05 15.99 -13.49
CA PRO A 481 -3.36 15.84 -14.12
C PRO A 481 -4.55 16.29 -13.17
N GLN A 482 -4.25 16.59 -11.93
CA GLN A 482 -5.30 16.84 -10.94
C GLN A 482 -6.21 18.01 -11.28
N LYS A 483 -5.65 19.04 -11.88
CA LYS A 483 -6.44 20.24 -12.12
C LYS A 483 -7.56 20.03 -13.11
N ASP A 484 -7.46 19.01 -13.91
CA ASP A 484 -8.50 18.70 -14.85
C ASP A 484 -9.31 17.47 -14.44
N TRP A 485 -9.12 16.92 -13.26
CA TRP A 485 -10.02 15.77 -12.88
C TRP A 485 -11.46 16.23 -12.63
N GLU A 486 -12.38 15.51 -13.26
CA GLU A 486 -13.79 15.76 -13.21
C GLU A 486 -14.24 15.88 -11.73
N GLY A 487 -13.77 15.01 -10.85
CA GLY A 487 -14.21 15.12 -9.41
C GLY A 487 -13.76 16.40 -8.74
N ASN A 488 -12.67 16.94 -9.26
CA ASN A 488 -12.16 18.21 -8.77
C ASN A 488 -12.87 19.50 -9.31
N GLU A 489 -13.85 19.36 -10.21
CA GLU A 489 -14.70 20.49 -10.70
C GLU A 489 -13.82 21.63 -11.17
N PRO A 490 -13.13 21.37 -12.29
CA PRO A 490 -12.00 22.18 -12.82
C PRO A 490 -12.32 23.70 -12.98
N ASP A 491 -13.54 24.04 -13.40
CA ASP A 491 -13.92 25.47 -13.51
C ASP A 491 -13.93 26.12 -12.16
N ARG A 492 -14.62 25.50 -11.19
CA ARG A 492 -14.66 26.09 -9.82
C ARG A 492 -13.26 26.11 -9.24
N LEU A 493 -12.54 25.04 -9.50
CA LEU A 493 -11.19 24.97 -9.00
C LEU A 493 -10.30 26.08 -9.63
N ALA A 494 -10.35 26.25 -10.94
CA ALA A 494 -9.57 27.33 -11.62
C ALA A 494 -9.98 28.70 -11.02
N LYS A 495 -11.27 28.88 -10.83
CA LYS A 495 -11.71 30.12 -10.20
C LYS A 495 -11.13 30.33 -8.82
N VAL A 496 -11.09 29.30 -7.99
CA VAL A 496 -10.58 29.54 -6.63
C VAL A 496 -9.07 29.71 -6.68
N LEU A 497 -8.42 28.94 -7.56
CA LEU A 497 -6.95 28.95 -7.54
C LEU A 497 -6.40 30.34 -7.99
N ALA A 498 -7.06 30.93 -9.00
CA ALA A 498 -6.72 32.30 -9.47
C ALA A 498 -6.69 33.24 -8.29
N VAL A 499 -7.74 33.25 -7.48
CA VAL A 499 -7.65 34.04 -6.27
C VAL A 499 -6.52 33.63 -5.37
N LEU A 500 -6.38 32.32 -5.10
CA LEU A 500 -5.54 32.01 -3.95
C LEU A 500 -4.08 32.05 -4.37
N GLU A 501 -3.83 31.83 -5.65
CA GLU A 501 -2.46 32.05 -6.13
C GLU A 501 -2.03 33.50 -5.91
N GLY A 502 -2.96 34.43 -6.17
CA GLY A 502 -2.74 35.87 -5.94
C GLY A 502 -2.38 36.10 -4.50
N ILE A 503 -3.19 35.54 -3.61
CA ILE A 503 -2.86 35.70 -2.20
C ILE A 503 -1.50 35.10 -1.85
N ALA A 504 -1.18 33.94 -2.40
CA ALA A 504 0.10 33.36 -2.01
C ALA A 504 1.29 34.28 -2.47
N ALA A 505 1.26 34.64 -3.76
CA ALA A 505 2.20 35.61 -4.38
C ALA A 505 2.37 36.82 -3.47
N ALA A 506 1.26 37.39 -3.05
CA ALA A 506 1.31 38.59 -2.25
C ALA A 506 1.88 38.41 -0.86
N THR A 507 1.85 37.21 -0.29
CA THR A 507 2.16 37.04 1.14
C THR A 507 3.41 36.22 1.40
N GLY A 508 3.90 35.52 0.38
CA GLY A 508 4.97 34.51 0.59
C GLY A 508 4.64 33.21 1.39
N ALA A 509 3.36 32.92 1.54
CA ALA A 509 2.88 31.61 1.94
C ALA A 509 2.70 30.84 0.63
N SER A 510 3.07 29.55 0.61
CA SER A 510 2.82 28.66 -0.56
C SER A 510 1.38 28.56 -0.97
N VAL A 511 1.13 28.24 -2.22
CA VAL A 511 -0.20 28.02 -2.67
C VAL A 511 -0.82 26.85 -1.79
N ALA A 512 0.00 25.87 -1.42
CA ALA A 512 -0.47 24.71 -0.60
C ALA A 512 -1.02 25.15 0.76
N ASP A 513 -0.23 25.95 1.50
CA ASP A 513 -0.61 26.54 2.77
C ASP A 513 -1.86 27.41 2.61
N VAL A 514 -1.99 28.08 1.48
CA VAL A 514 -3.11 28.96 1.34
C VAL A 514 -4.38 28.18 1.03
N ILE A 515 -4.27 27.16 0.20
CA ILE A 515 -5.42 26.32 -0.01
C ILE A 515 -6.02 25.77 1.32
N VAL A 516 -5.16 25.30 2.21
CA VAL A 516 -5.62 24.76 3.46
C VAL A 516 -6.17 25.85 4.35
N LEU A 517 -5.46 26.98 4.40
CA LEU A 517 -5.87 28.09 5.26
C LEU A 517 -7.23 28.57 4.87
N ALA A 518 -7.47 28.54 3.59
CA ALA A 518 -8.72 28.96 3.06
C ALA A 518 -9.88 28.05 3.44
N GLY A 519 -9.65 26.75 3.42
CA GLY A 519 -10.69 25.85 3.90
C GLY A 519 -10.96 26.13 5.37
N ASN A 520 -9.92 26.36 6.17
CA ASN A 520 -10.11 26.69 7.57
C ASN A 520 -10.97 27.93 7.73
N VAL A 521 -10.74 28.88 6.84
CA VAL A 521 -11.51 30.11 6.90
C VAL A 521 -12.97 29.81 6.56
N GLY A 522 -13.21 29.04 5.53
CA GLY A 522 -14.61 28.67 5.25
C GLY A 522 -15.33 27.92 6.41
N VAL A 523 -14.60 27.06 7.10
CA VAL A 523 -15.17 26.36 8.23
C VAL A 523 -15.47 27.36 9.32
N GLU A 524 -14.50 28.24 9.54
CA GLU A 524 -14.59 29.27 10.60
C GLU A 524 -15.77 30.18 10.41
N GLN A 525 -15.95 30.62 9.18
CA GLN A 525 -17.10 31.38 8.89
C GLN A 525 -18.36 30.62 9.16
N ALA A 526 -18.36 29.30 8.84
CA ALA A 526 -19.60 28.55 8.90
C ALA A 526 -19.98 28.39 10.35
N ALA A 527 -18.99 28.13 11.18
CA ALA A 527 -19.21 28.09 12.60
C ALA A 527 -19.68 29.45 13.17
N ARG A 528 -19.05 30.53 12.74
CA ARG A 528 -19.42 31.89 13.17
C ARG A 528 -20.90 32.12 12.84
N ALA A 529 -21.30 31.77 11.63
CA ALA A 529 -22.69 31.85 11.25
C ALA A 529 -23.64 31.06 12.19
N ALA A 530 -23.14 30.11 12.95
CA ALA A 530 -23.98 29.41 13.94
C ALA A 530 -23.83 30.00 15.32
N GLY A 531 -23.22 31.18 15.41
CA GLY A 531 -22.79 31.79 16.69
C GLY A 531 -21.72 31.02 17.43
N VAL A 532 -20.78 30.40 16.73
CA VAL A 532 -19.67 29.74 17.42
C VAL A 532 -18.41 30.41 16.90
N GLU A 533 -17.51 30.78 17.82
CA GLU A 533 -16.23 31.41 17.45
C GLU A 533 -15.14 30.44 17.75
N ILE A 534 -14.48 29.96 16.72
CA ILE A 534 -13.30 29.13 16.92
C ILE A 534 -12.25 29.51 15.88
N VAL A 535 -11.03 29.21 16.20
CA VAL A 535 -9.95 29.35 15.28
C VAL A 535 -9.45 27.96 15.16
N LEU A 536 -9.26 27.50 13.93
CA LEU A 536 -8.78 26.16 13.72
C LEU A 536 -7.30 26.12 13.79
N PRO A 537 -6.75 25.03 14.36
CA PRO A 537 -5.32 24.88 14.39
C PRO A 537 -4.78 24.85 12.94
N PHE A 538 -3.56 25.33 12.81
CA PHE A 538 -2.97 25.47 11.50
C PHE A 538 -1.48 25.41 11.56
N ALA A 539 -0.90 24.64 10.67
CA ALA A 539 0.56 24.44 10.63
C ALA A 539 1.06 24.87 9.25
N PRO A 540 1.88 25.95 9.20
CA PRO A 540 2.40 26.42 7.94
C PRO A 540 3.59 25.55 7.52
N GLY A 541 4.01 25.71 6.28
CA GLY A 541 5.20 25.01 5.86
C GLY A 541 5.07 24.13 4.63
N ARG A 542 3.84 23.93 4.13
CA ARG A 542 3.67 23.13 2.93
C ARG A 542 4.44 23.80 1.79
N GLY A 543 5.02 22.99 0.92
CA GLY A 543 5.64 23.43 -0.29
C GLY A 543 4.71 23.31 -1.45
N ASP A 544 5.09 23.95 -2.56
CA ASP A 544 4.40 23.79 -3.83
C ASP A 544 5.29 22.98 -4.71
N ALA A 545 4.83 21.84 -5.18
CA ALA A 545 5.62 20.94 -6.00
C ALA A 545 5.60 21.47 -7.40
N THR A 546 6.57 21.06 -8.23
CA THR A 546 6.63 21.47 -9.61
C THR A 546 6.06 20.41 -10.56
N ALA A 547 5.71 20.79 -11.78
CA ALA A 547 5.35 19.76 -12.81
C ALA A 547 6.48 18.76 -13.14
N GLU A 548 7.70 19.28 -13.07
CA GLU A 548 8.89 18.52 -13.35
C GLU A 548 8.98 17.43 -12.30
N GLN A 549 8.53 17.70 -11.07
CA GLN A 549 8.67 16.67 -10.03
C GLN A 549 7.35 15.94 -9.68
N THR A 550 6.45 15.99 -10.65
CA THR A 550 5.19 15.37 -10.56
C THR A 550 5.03 14.40 -11.73
N ASP A 551 5.17 13.09 -11.46
CA ASP A 551 4.96 12.04 -12.51
C ASP A 551 3.48 11.90 -12.85
N THR A 552 3.09 12.51 -13.96
CA THR A 552 1.71 12.60 -14.32
C THR A 552 0.98 11.27 -14.34
N GLU A 553 1.55 10.30 -15.01
CA GLU A 553 0.95 8.95 -15.11
C GLU A 553 0.83 8.25 -13.78
N SER A 554 1.77 8.45 -12.90
CA SER A 554 1.70 7.77 -11.59
C SER A 554 0.59 8.29 -10.69
N PHE A 555 0.15 9.53 -10.94
CA PHE A 555 -0.94 10.14 -10.19
C PHE A 555 -2.29 9.68 -10.61
N ALA A 556 -2.34 8.95 -11.71
CA ALA A 556 -3.63 8.48 -12.18
C ALA A 556 -4.37 7.68 -11.07
N VAL A 557 -3.63 6.86 -10.32
CA VAL A 557 -4.24 6.03 -9.31
C VAL A 557 -4.81 6.80 -8.12
N LEU A 558 -4.49 8.09 -8.01
CA LEU A 558 -5.06 8.88 -6.96
C LEU A 558 -6.27 9.65 -7.40
N GLU A 559 -6.71 9.49 -8.66
CA GLU A 559 -7.82 10.27 -9.08
C GLU A 559 -9.04 9.88 -8.26
N PRO A 560 -9.80 10.86 -7.81
CA PRO A 560 -11.05 10.58 -7.09
C PRO A 560 -12.20 10.30 -8.04
N ILE A 561 -12.38 9.04 -8.33
CA ILE A 561 -13.52 8.61 -9.13
C ILE A 561 -14.76 8.34 -8.26
N HIS A 562 -14.58 8.38 -6.95
CA HIS A 562 -15.66 8.36 -5.98
C HIS A 562 -15.25 9.11 -4.72
N ASP A 563 -16.15 9.85 -4.11
CA ASP A 563 -15.86 10.46 -2.84
C ASP A 563 -17.18 10.79 -2.19
N GLY A 564 -17.62 9.86 -1.37
CA GLY A 564 -18.80 10.01 -0.54
C GLY A 564 -18.85 11.31 0.24
N TYR A 565 -17.70 11.83 0.61
CA TYR A 565 -17.72 13.00 1.42
C TYR A 565 -18.23 14.23 0.67
N ARG A 566 -18.20 14.21 -0.67
CA ARG A 566 -18.79 15.28 -1.45
C ARG A 566 -19.90 14.65 -2.34
N ASN A 567 -20.45 13.52 -1.90
CA ASN A 567 -21.51 12.82 -2.65
C ASN A 567 -21.18 12.72 -4.13
N TRP A 568 -20.00 12.22 -4.42
CA TRP A 568 -19.48 12.15 -5.78
C TRP A 568 -19.29 10.72 -6.19
N LEU A 569 -19.83 10.37 -7.34
CA LEU A 569 -19.45 9.12 -8.03
C LEU A 569 -19.33 9.40 -9.53
N LYS A 570 -18.15 9.17 -10.11
CA LYS A 570 -17.91 9.43 -11.54
C LYS A 570 -18.75 8.55 -12.48
N GLN A 571 -19.04 7.30 -12.10
CA GLN A 571 -19.87 6.41 -12.89
C GLN A 571 -20.64 5.52 -11.96
N ASP A 572 -21.36 4.55 -12.52
CA ASP A 572 -22.10 3.60 -11.71
C ASP A 572 -21.19 2.40 -11.55
N TYR A 573 -20.90 1.99 -10.33
CA TYR A 573 -19.94 0.93 -10.11
C TYR A 573 -20.66 -0.18 -9.45
N ALA A 574 -20.00 -1.34 -9.46
CA ALA A 574 -20.56 -2.57 -8.91
C ALA A 574 -20.55 -2.55 -7.39
N ALA A 575 -19.47 -2.04 -6.79
CA ALA A 575 -19.40 -1.83 -5.33
C ALA A 575 -20.45 -0.80 -4.92
N THR A 576 -20.97 -0.90 -3.73
CA THR A 576 -21.94 0.08 -3.28
C THR A 576 -21.24 1.38 -2.91
N PRO A 577 -21.93 2.50 -3.03
CA PRO A 577 -21.36 3.77 -2.69
C PRO A 577 -20.77 3.76 -1.26
N GLU A 578 -21.43 3.08 -0.36
CA GLU A 578 -21.00 3.11 1.04
C GLU A 578 -19.77 2.29 1.27
N GLU A 579 -19.61 1.18 0.52
CA GLU A 579 -18.35 0.41 0.53
C GLU A 579 -17.20 1.26 -0.01
N LEU A 580 -17.47 2.03 -1.05
CA LEU A 580 -16.46 2.94 -1.59
C LEU A 580 -16.09 4.03 -0.59
N LEU A 581 -17.08 4.58 0.14
CA LEU A 581 -16.76 5.52 1.18
C LEU A 581 -15.91 4.92 2.30
N LEU A 582 -16.25 3.68 2.70
CA LEU A 582 -15.46 3.02 3.70
C LEU A 582 -13.99 2.88 3.23
N ASP A 583 -13.77 2.50 1.98
CA ASP A 583 -12.42 2.31 1.45
C ASP A 583 -11.59 3.60 1.51
N ARG A 584 -12.17 4.64 0.96
CA ARG A 584 -11.55 5.94 1.00
C ARG A 584 -11.30 6.34 2.42
N THR A 585 -12.31 6.13 3.27
CA THR A 585 -12.06 6.54 4.66
C THR A 585 -10.93 5.81 5.34
N GLN A 586 -10.79 4.51 5.08
CA GLN A 586 -9.70 3.75 5.61
C GLN A 586 -8.36 4.27 5.10
N LEU A 587 -8.28 4.57 3.81
CA LEU A 587 -6.98 5.12 3.32
C LEU A 587 -6.66 6.50 3.94
N LEU A 588 -7.66 7.31 4.23
CA LEU A 588 -7.40 8.59 4.87
C LEU A 588 -6.98 8.41 6.30
N GLY A 589 -7.19 7.27 6.91
CA GLY A 589 -6.71 7.05 8.26
C GLY A 589 -7.83 7.44 9.25
N LEU A 590 -9.06 7.57 8.78
CA LEU A 590 -10.12 8.08 9.63
C LEU A 590 -10.83 6.93 10.39
N THR A 591 -11.35 7.23 11.58
CA THR A 591 -12.12 6.24 12.35
C THR A 591 -13.60 6.33 11.97
N ALA A 592 -14.46 5.41 12.40
CA ALA A 592 -15.86 5.53 12.00
C ALA A 592 -16.57 6.75 12.58
N PRO A 593 -16.26 7.09 13.85
CA PRO A 593 -16.89 8.33 14.38
C PRO A 593 -16.43 9.59 13.59
N GLU A 594 -15.16 9.62 13.18
CA GLU A 594 -14.63 10.73 12.32
C GLU A 594 -15.33 10.81 10.98
N MET A 595 -15.52 9.66 10.37
CA MET A 595 -16.15 9.56 9.09
C MET A 595 -17.53 10.16 9.22
N THR A 596 -18.21 9.76 10.31
CA THR A 596 -19.56 10.16 10.53
C THR A 596 -19.70 11.69 10.66
N VAL A 597 -18.91 12.31 11.53
CA VAL A 597 -19.08 13.78 11.72
C VAL A 597 -18.66 14.55 10.50
N LEU A 598 -17.73 14.01 9.75
CA LEU A 598 -17.28 14.69 8.53
C LEU A 598 -18.39 14.69 7.53
N ILE A 599 -19.07 13.56 7.39
CA ILE A 599 -20.18 13.58 6.45
C ILE A 599 -21.22 14.61 6.85
N GLY A 600 -21.58 14.62 8.12
CA GLY A 600 -22.69 15.46 8.51
C GLY A 600 -22.36 16.94 8.33
N GLY A 601 -21.12 17.28 8.62
CA GLY A 601 -20.70 18.64 8.54
C GLY A 601 -20.52 19.06 7.11
N LEU A 602 -19.86 18.25 6.31
CA LEU A 602 -19.68 18.62 4.90
C LEU A 602 -21.02 18.80 4.23
N ARG A 603 -21.97 17.95 4.54
CA ARG A 603 -23.26 18.09 3.95
C ARG A 603 -23.90 19.47 4.19
N VAL A 604 -23.86 19.95 5.43
CA VAL A 604 -24.61 21.20 5.77
C VAL A 604 -23.80 22.40 5.32
N LEU A 605 -22.52 22.20 5.05
CA LEU A 605 -21.72 23.28 4.51
C LEU A 605 -22.01 23.53 3.06
N GLY A 606 -22.64 22.59 2.36
CA GLY A 606 -23.06 22.77 0.97
C GLY A 606 -21.89 22.50 0.03
N THR A 607 -21.24 21.34 0.18
CA THR A 607 -20.02 21.01 -0.56
C THR A 607 -20.16 19.85 -1.57
N ASN A 608 -21.37 19.42 -1.85
CA ASN A 608 -21.56 18.26 -2.70
C ASN A 608 -21.03 18.56 -4.11
N HIS A 609 -20.45 17.59 -4.77
CA HIS A 609 -20.05 17.79 -6.16
C HIS A 609 -21.24 18.22 -7.02
N GLY A 610 -21.07 19.22 -7.88
CA GLY A 610 -22.17 19.61 -8.84
C GLY A 610 -23.21 20.47 -8.13
N GLY A 611 -22.94 20.90 -6.89
CA GLY A 611 -23.92 21.68 -6.12
C GLY A 611 -25.27 21.00 -5.91
N THR A 612 -25.27 19.68 -5.96
CA THR A 612 -26.42 18.84 -5.59
C THR A 612 -26.86 19.10 -4.11
N LYS A 613 -28.15 18.85 -3.82
CA LYS A 613 -28.73 18.97 -2.48
C LYS A 613 -28.96 17.61 -1.75
N HIS A 614 -28.48 16.53 -2.34
CA HIS A 614 -28.65 15.22 -1.72
C HIS A 614 -27.96 15.21 -0.39
N GLY A 615 -28.73 14.91 0.66
CA GLY A 615 -28.19 14.83 2.02
C GLY A 615 -28.08 16.17 2.70
N VAL A 616 -28.45 17.25 1.99
CA VAL A 616 -28.34 18.59 2.57
C VAL A 616 -29.63 18.86 3.41
N PHE A 617 -29.69 18.24 4.57
CA PHE A 617 -30.92 18.22 5.41
C PHE A 617 -30.83 19.38 6.39
N THR A 618 -30.90 20.59 5.84
CA THR A 618 -30.86 21.84 6.61
C THR A 618 -31.65 22.92 5.86
N ASP A 619 -32.17 23.89 6.60
CA ASP A 619 -32.69 25.12 6.05
C ASP A 619 -31.60 26.17 6.15
N ARG A 620 -30.42 25.85 6.65
CA ARG A 620 -29.37 26.85 6.70
C ARG A 620 -27.98 26.30 6.26
N GLU A 621 -27.92 26.03 4.97
CA GLU A 621 -26.69 25.67 4.27
C GLU A 621 -25.63 26.76 4.43
N GLY A 622 -24.42 26.39 4.77
CA GLY A 622 -23.36 27.35 5.01
C GLY A 622 -23.17 27.55 6.49
N VAL A 623 -24.07 26.98 7.28
CA VAL A 623 -23.96 27.12 8.71
C VAL A 623 -23.60 25.75 9.34
N LEU A 624 -22.58 25.74 10.18
CA LEU A 624 -22.03 24.48 10.68
C LEU A 624 -22.87 24.07 11.90
N THR A 625 -23.89 23.27 11.65
CA THR A 625 -24.71 22.69 12.70
C THR A 625 -24.82 21.16 12.51
N ASN A 626 -25.48 20.55 13.46
CA ASN A 626 -25.71 19.13 13.48
C ASN A 626 -27.04 18.81 12.85
N ASP A 627 -27.59 19.72 12.03
CA ASP A 627 -28.84 19.44 11.35
C ASP A 627 -28.97 18.12 10.57
N PHE A 628 -27.89 17.75 9.88
CA PHE A 628 -27.89 16.49 9.13
C PHE A 628 -28.40 15.36 10.02
N PHE A 629 -27.78 15.19 11.19
CA PHE A 629 -28.14 14.13 12.15
C PHE A 629 -29.51 14.22 12.76
N VAL A 630 -29.91 15.43 13.10
CA VAL A 630 -31.27 15.71 13.62
C VAL A 630 -32.31 15.27 12.68
N ASN A 631 -32.13 15.66 11.45
CA ASN A 631 -33.11 15.30 10.47
C ASN A 631 -33.03 13.83 10.02
N LEU A 632 -31.82 13.34 9.81
CA LEU A 632 -31.63 11.93 9.48
C LEU A 632 -32.34 11.02 10.51
N THR A 633 -32.25 11.36 11.79
CA THR A 633 -32.86 10.52 12.83
C THR A 633 -34.30 10.81 13.16
N ASP A 634 -34.95 11.65 12.35
CA ASP A 634 -36.32 12.04 12.63
C ASP A 634 -37.34 11.15 11.96
N MET A 635 -38.15 10.45 12.77
CA MET A 635 -39.13 9.55 12.22
C MET A 635 -40.41 10.18 11.73
N ASN A 636 -40.51 11.51 11.74
CA ASN A 636 -41.56 12.18 10.94
C ASN A 636 -41.41 11.92 9.40
N TYR A 637 -40.22 11.51 8.97
CA TYR A 637 -39.93 11.15 7.53
C TYR A 637 -39.86 9.66 7.27
N LEU A 638 -40.30 9.26 6.10
CA LEU A 638 -39.95 8.00 5.56
C LEU A 638 -39.05 8.15 4.34
N TRP A 639 -38.29 7.08 4.02
CA TRP A 639 -37.29 7.13 2.98
C TRP A 639 -37.77 6.22 1.84
N LYS A 640 -37.95 6.80 0.65
CA LYS A 640 -38.39 6.06 -0.54
C LYS A 640 -37.29 5.92 -1.60
N PRO A 641 -36.93 4.72 -1.97
CA PRO A 641 -35.93 4.60 -3.05
C PRO A 641 -36.46 5.32 -4.31
N ALA A 642 -35.56 6.00 -5.03
CA ALA A 642 -35.98 6.80 -6.17
C ALA A 642 -34.93 6.69 -7.26
N GLY A 643 -34.69 5.47 -7.67
CA GLY A 643 -33.64 5.21 -8.67
C GLY A 643 -32.24 4.98 -8.15
N LYS A 644 -31.28 5.07 -9.03
CA LYS A 644 -29.90 4.75 -8.72
C LYS A 644 -29.34 5.69 -7.67
N ASN A 645 -28.89 5.12 -6.57
CA ASN A 645 -28.19 5.80 -5.55
C ASN A 645 -28.99 7.07 -5.13
N LEU A 646 -30.31 6.93 -5.08
CA LEU A 646 -31.11 8.10 -4.76
C LEU A 646 -32.37 7.70 -4.03
N TYR A 647 -32.77 8.57 -3.11
CA TYR A 647 -33.94 8.37 -2.24
C TYR A 647 -34.62 9.68 -2.04
N GLU A 648 -35.93 9.62 -1.87
CA GLU A 648 -36.76 10.74 -1.41
C GLU A 648 -37.04 10.65 0.09
N ILE A 649 -36.80 11.74 0.81
CA ILE A 649 -37.15 11.84 2.26
C ILE A 649 -38.45 12.53 2.37
N CYS A 650 -39.50 11.76 2.63
CA CYS A 650 -40.83 12.29 2.57
C CYS A 650 -41.48 12.44 3.93
N ASP A 651 -42.21 13.52 4.09
CA ASP A 651 -43.05 13.72 5.27
C ASP A 651 -44.12 12.64 5.36
N ARG A 652 -44.14 11.87 6.44
CA ARG A 652 -45.12 10.76 6.59
C ARG A 652 -46.57 11.21 6.55
N LYS A 653 -46.81 12.41 7.04
CA LYS A 653 -48.17 12.96 7.12
C LYS A 653 -48.60 13.64 5.80
N THR A 654 -47.78 14.46 5.20
CA THR A 654 -48.22 15.08 3.99
C THR A 654 -47.86 14.36 2.71
N ASN A 655 -46.98 13.37 2.81
CA ASN A 655 -46.53 12.67 1.63
C ASN A 655 -45.87 13.59 0.63
N GLN A 656 -45.25 14.64 1.11
CA GLN A 656 -44.44 15.46 0.28
C GLN A 656 -42.97 15.20 0.48
N VAL A 657 -42.20 15.44 -0.59
CA VAL A 657 -40.76 15.21 -0.64
C VAL A 657 -40.13 16.39 -0.03
N LYS A 658 -39.36 16.19 1.02
CA LYS A 658 -38.76 17.26 1.74
C LYS A 658 -37.30 17.46 1.29
N TRP A 659 -36.56 16.34 1.17
CA TRP A 659 -35.16 16.36 0.73
C TRP A 659 -34.93 15.14 -0.12
N THR A 660 -33.78 15.11 -0.80
CA THR A 660 -33.33 13.88 -1.40
C THR A 660 -31.99 13.54 -0.78
N ALA A 661 -31.51 12.34 -1.11
CA ALA A 661 -30.41 11.69 -0.40
C ALA A 661 -29.88 10.53 -1.19
N THR A 662 -28.59 10.27 -1.00
CA THR A 662 -27.99 9.11 -1.60
C THR A 662 -27.79 7.97 -0.55
N ARG A 663 -27.30 6.80 -1.00
CA ARG A 663 -26.98 5.73 -0.07
C ARG A 663 -25.85 6.19 0.89
N VAL A 664 -24.96 7.10 0.46
CA VAL A 664 -23.88 7.50 1.31
C VAL A 664 -24.48 8.27 2.47
N ASP A 665 -25.53 9.03 2.21
CA ASP A 665 -26.16 9.80 3.26
C ASP A 665 -26.91 8.85 4.18
N LEU A 666 -27.69 7.96 3.61
CA LEU A 666 -28.62 7.23 4.37
C LEU A 666 -28.02 6.04 5.09
N VAL A 667 -26.84 5.59 4.69
CA VAL A 667 -26.25 4.48 5.47
C VAL A 667 -26.03 4.93 6.94
N PHE A 668 -25.79 6.22 7.16
CA PHE A 668 -25.50 6.72 8.53
C PHE A 668 -26.74 6.67 9.41
N GLY A 669 -27.88 6.46 8.80
CA GLY A 669 -29.12 6.19 9.48
C GLY A 669 -29.67 4.78 9.36
N SER A 670 -28.87 3.85 8.87
CA SER A 670 -29.34 2.53 8.57
C SER A 670 -28.49 1.48 9.21
N ASN A 671 -27.19 1.59 8.98
CA ASN A 671 -26.24 0.73 9.63
C ASN A 671 -26.35 0.95 11.14
N SER A 672 -26.31 -0.11 11.93
CA SER A 672 -26.70 0.00 13.35
C SER A 672 -25.56 0.67 14.15
N ILE A 673 -24.32 0.48 13.78
CA ILE A 673 -23.19 1.21 14.36
C ILE A 673 -23.21 2.71 13.95
N LEU A 674 -23.40 3.00 12.67
CA LEU A 674 -23.34 4.36 12.20
C LEU A 674 -24.54 5.09 12.74
N ARG A 675 -25.68 4.46 12.83
CA ARG A 675 -26.83 5.26 13.34
C ARG A 675 -26.64 5.53 14.83
N ALA A 676 -26.04 4.61 15.55
CA ALA A 676 -25.70 4.87 16.96
C ALA A 676 -24.84 6.17 17.06
N TYR A 677 -23.85 6.32 16.19
CA TYR A 677 -23.08 7.57 16.11
C TYR A 677 -23.92 8.76 15.69
N SER A 678 -24.76 8.59 14.69
CA SER A 678 -25.64 9.65 14.23
C SER A 678 -26.54 10.13 15.35
N GLU A 679 -27.08 9.18 16.11
CA GLU A 679 -27.96 9.52 17.22
C GLU A 679 -27.19 10.31 18.27
N LEU A 680 -25.95 9.91 18.60
CA LEU A 680 -25.16 10.66 19.55
C LEU A 680 -25.03 12.16 19.16
N TYR A 681 -24.72 12.43 17.91
CA TYR A 681 -24.61 13.78 17.38
C TYR A 681 -25.93 14.48 17.15
N ALA A 682 -27.06 13.78 17.14
CA ALA A 682 -28.34 14.41 17.05
C ALA A 682 -28.98 14.72 18.45
N GLN A 683 -28.32 14.36 19.54
CA GLN A 683 -28.76 14.66 20.88
C GLN A 683 -28.77 16.17 21.09
N ASP A 684 -29.74 16.62 21.90
CA ASP A 684 -29.97 18.04 22.23
C ASP A 684 -28.71 18.57 22.85
N ASP A 685 -28.00 17.77 23.61
CA ASP A 685 -26.80 18.28 24.30
C ASP A 685 -25.45 18.26 23.56
N ASN A 686 -25.44 17.91 22.27
CA ASN A 686 -24.16 17.62 21.59
C ASN A 686 -23.86 18.49 20.37
N LYS A 687 -24.48 19.67 20.36
CA LYS A 687 -24.20 20.64 19.31
C LYS A 687 -22.77 21.08 19.33
N GLU A 688 -22.21 21.28 20.51
CA GLU A 688 -20.86 21.79 20.57
C GLU A 688 -19.89 20.60 20.38
N LYS A 689 -20.20 19.43 20.90
CA LYS A 689 -19.35 18.28 20.65
C LYS A 689 -19.29 17.99 19.13
N PHE A 690 -20.42 18.08 18.44
CA PHE A 690 -20.43 17.95 17.02
C PHE A 690 -19.42 18.92 16.32
N VAL A 691 -19.53 20.22 16.64
CA VAL A 691 -18.57 21.15 16.04
C VAL A 691 -17.17 20.82 16.43
N ARG A 692 -16.95 20.52 17.69
CA ARG A 692 -15.60 20.30 18.05
C ARG A 692 -15.03 19.00 17.30
N ASP A 693 -15.87 17.97 17.22
CA ASP A 693 -15.38 16.72 16.59
C ASP A 693 -15.18 16.92 15.07
N PHE A 694 -16.08 17.67 14.44
CA PHE A 694 -15.91 18.03 13.06
C PHE A 694 -14.57 18.68 12.81
N VAL A 695 -14.29 19.67 13.61
CA VAL A 695 -13.07 20.39 13.53
C VAL A 695 -11.89 19.53 13.72
N ALA A 696 -11.92 18.64 14.71
CA ALA A 696 -10.78 17.84 14.93
C ALA A 696 -10.58 16.90 13.75
N ALA A 697 -11.67 16.43 13.11
CA ALA A 697 -11.52 15.46 12.01
C ALA A 697 -11.00 16.20 10.77
N TRP A 698 -11.57 17.39 10.53
CA TRP A 698 -11.12 18.28 9.43
C TRP A 698 -9.59 18.46 9.50
N THR A 699 -9.14 18.90 10.66
CA THR A 699 -7.74 19.15 10.91
C THR A 699 -6.86 17.90 10.68
N LYS A 700 -7.36 16.76 11.18
CA LYS A 700 -6.64 15.51 10.93
C LYS A 700 -6.40 15.28 9.44
N VAL A 701 -7.44 15.47 8.65
CA VAL A 701 -7.31 15.26 7.25
C VAL A 701 -6.37 16.30 6.61
N MET A 702 -6.49 17.55 7.00
CA MET A 702 -5.59 18.61 6.44
C MET A 702 -4.16 18.37 6.78
N ASN A 703 -3.86 17.74 7.92
CA ASN A 703 -2.51 17.46 8.32
C ASN A 703 -1.97 16.04 8.08
N ALA A 704 -2.75 15.21 7.40
CA ALA A 704 -2.40 13.79 7.23
C ALA A 704 -1.02 13.60 6.60
N ASP A 705 -0.68 14.42 5.61
CA ASP A 705 0.62 14.27 4.93
C ASP A 705 1.78 15.06 5.49
N ARG A 706 1.69 15.54 6.71
CA ARG A 706 2.70 16.49 7.22
C ARG A 706 3.82 15.86 7.93
N PHE A 707 4.45 14.90 7.27
CA PHE A 707 5.60 14.20 7.78
C PHE A 707 6.81 15.16 7.94
N ASP A 708 6.81 16.30 7.23
CA ASP A 708 7.86 17.30 7.37
C ASP A 708 7.84 17.90 8.75
N LEU A 709 6.67 17.89 9.40
CA LEU A 709 6.58 18.40 10.77
C LEU A 709 7.20 17.41 11.71
N ASP A 710 8.01 17.93 12.64
CA ASP A 710 9.09 17.18 13.34
C ASP A 710 9.39 15.83 12.67
#